data_9IXV
#
_entry.id   9IXV
#
_cell.length_a   1.00
_cell.length_b   1.00
_cell.length_c   1.00
_cell.angle_alpha   90.00
_cell.angle_beta   90.00
_cell.angle_gamma   90.00
#
_symmetry.space_group_name_H-M   'P 1'
#
loop_
_entity.id
_entity.type
_entity.pdbx_description
1 polymer 'Spike glycoprotein'
2 polymer 'Heavy chain from KNIH-88, monoclonal antibody'
3 polymer 'Light chain from KNIH-88, monoclonal antibody'
#
loop_
_entity_poly.entity_id
_entity_poly.type
_entity_poly.pdbx_seq_one_letter_code
_entity_poly.pdbx_strand_id
1 'polypeptide(L)'
;MIHSVFLLMFLLTPTESYVDVGPDSVKSACIEVDIQQTFFDKTWPRPIDVSKADGIIYPQGRTYSNITITYQGLFPYQGD
HGDMYVYSAGHATGTTPQKLFVANYSQDVKQFANGFVVRIGAAANSTGTVIISPSTSATIRKIYPAFMLGSSVGNFSDGK
MGRFFNHTLVLLPDGCGTLLRAFYCILEPRSGNHCPAGNSYTSFATYHTPATDCSDGNYNRNASLNSFKEYFNLRNCTFM
YTYNITEDEILEWFGITQTAQGVHLFSSRYVDLYGGNMFQFATLPVYDTIKYYSIIPHSIRSIQSDRKAWAAFYVYKLQP
LTFLLDFSVDGYIRRAIDCGFNDLSQLHCS
;
A
2 'polypeptide(L)'
;EVQLVESGGGLIQPGGSLRLSCAASGFTVIDYYMTWVRQAPGKGLEWVSVIYAGGSTYYADSVKGRFTVSRDYSRNTLYL
QMNSLKAEDTAVYYCTRDYLAAGGLWGQGALVTVSSASTKGPSVFPLAPSSKSTSGGTAALGCLVKDYFPEPVTVSWNSG
ALTSGVHTFPAVLQSSGLYSLSSVVTVPSSSLGTQTYICNVNHKPSNTKVDKKVEP
;
H
3 'polypeptide(L)'
;EIVLTQSPSSLSASVGDRVTITCRASQGIRNNLAWYQQKPGQVPELLIYGASNLKPGVPSRFSGSASGTDFTLTISSMQP
EDVATYYCQKYDSAPLTFGGGTKLEIKRTVAAPSVFIFPPSDEQLKSGTASVVCLLNNFYPREAKVQWKVDNALQSGNSQ
ESVTEQDSKDSTYSLSSTLTLSKADYEKHKVYACEVTHQGLSSPVTKSFNRGEC
;
L
#
# COMPACT_ATOMS: atom_id res chain seq x y z
N TYR A 18 -26.85 13.78 -5.55
CA TYR A 18 -25.48 13.66 -5.08
C TYR A 18 -24.53 13.34 -6.22
N VAL A 19 -23.56 14.22 -6.44
CA VAL A 19 -22.66 14.13 -7.58
C VAL A 19 -21.72 12.94 -7.42
N ASP A 20 -21.02 12.58 -8.49
CA ASP A 20 -20.02 11.53 -8.48
C ASP A 20 -18.64 12.18 -8.54
N VAL A 21 -17.77 11.80 -7.61
CA VAL A 21 -16.44 12.40 -7.48
C VAL A 21 -15.33 11.43 -7.83
N GLY A 22 -15.66 10.22 -8.29
CA GLY A 22 -14.67 9.23 -8.61
C GLY A 22 -14.53 8.18 -7.53
N PRO A 23 -13.46 7.39 -7.60
CA PRO A 23 -13.19 6.38 -6.58
C PRO A 23 -12.49 6.99 -5.37
N ASP A 24 -12.12 6.13 -4.43
CA ASP A 24 -11.39 6.54 -3.24
C ASP A 24 -10.03 5.84 -3.21
N SER A 25 -9.18 6.27 -2.27
CA SER A 25 -7.81 5.75 -2.21
C SER A 25 -7.80 4.25 -1.94
N VAL A 26 -6.92 3.54 -2.66
CA VAL A 26 -6.75 2.11 -2.47
C VAL A 26 -5.66 1.78 -1.46
N LYS A 27 -4.97 2.78 -0.92
CA LYS A 27 -3.92 2.55 0.05
C LYS A 27 -4.51 2.08 1.38
N SER A 28 -3.78 1.20 2.06
CA SER A 28 -4.21 0.62 3.32
C SER A 28 -3.53 1.26 4.53
N ALA A 29 -2.78 2.34 4.33
CA ALA A 29 -2.11 3.01 5.44
C ALA A 29 -1.73 4.42 5.02
N CYS A 30 -2.16 5.40 5.80
CA CYS A 30 -1.81 6.79 5.53
C CYS A 30 -0.32 7.02 5.75
N ILE A 31 0.24 7.96 4.98
CA ILE A 31 1.66 8.24 5.07
C ILE A 31 2.00 8.85 6.43
N GLU A 32 3.20 8.56 6.92
CA GLU A 32 3.64 9.08 8.20
C GLU A 32 3.86 10.59 8.14
N VAL A 33 3.51 11.29 9.21
CA VAL A 33 3.62 12.73 9.28
C VAL A 33 4.37 13.11 10.56
N ASP A 34 5.36 13.98 10.43
CA ASP A 34 6.13 14.49 11.56
C ASP A 34 5.71 15.93 11.82
N ILE A 35 5.44 16.25 13.08
CA ILE A 35 4.96 17.56 13.49
C ILE A 35 6.03 18.22 14.36
N GLN A 36 6.38 19.45 14.01
CA GLN A 36 7.31 20.25 14.81
C GLN A 36 6.83 21.69 14.85
N GLN A 37 7.19 22.40 15.91
CA GLN A 37 6.77 23.78 16.08
C GLN A 37 7.95 24.71 16.31
N THR A 38 8.98 24.22 17.01
CA THR A 38 10.15 25.05 17.28
C THR A 38 10.84 25.46 15.98
N PHE A 39 10.97 24.53 15.04
CA PHE A 39 11.52 24.85 13.73
C PHE A 39 10.52 25.55 12.82
N PHE A 40 9.25 25.65 13.24
CA PHE A 40 8.22 26.29 12.44
C PHE A 40 7.71 27.60 13.01
N ASP A 41 8.08 27.96 14.24
CA ASP A 41 7.68 29.22 14.83
C ASP A 41 8.62 30.31 14.34
N LYS A 42 8.31 30.88 13.18
CA LYS A 42 9.14 31.89 12.54
C LYS A 42 8.50 33.25 12.71
N THR A 43 9.28 34.23 13.16
CA THR A 43 8.80 35.59 13.41
C THR A 43 9.04 36.42 12.15
N TRP A 44 7.97 36.69 11.41
CA TRP A 44 8.01 37.56 10.24
C TRP A 44 6.95 38.63 10.42
N PRO A 45 7.19 39.61 11.30
CA PRO A 45 6.15 40.59 11.63
C PRO A 45 5.83 41.49 10.44
N ARG A 46 4.56 41.52 10.07
CA ARG A 46 4.09 42.37 8.99
C ARG A 46 2.65 42.77 9.31
N PRO A 47 2.44 43.99 9.79
CA PRO A 47 1.07 44.46 10.03
C PRO A 47 0.34 44.79 8.74
N ILE A 48 -0.86 45.33 8.84
CA ILE A 48 -1.68 45.67 7.68
C ILE A 48 -1.91 47.17 7.68
N ASP A 49 -1.64 47.81 6.55
CA ASP A 49 -1.86 49.24 6.36
C ASP A 49 -3.18 49.44 5.63
N VAL A 50 -4.06 50.26 6.21
CA VAL A 50 -5.40 50.42 5.66
C VAL A 50 -5.36 51.06 4.28
N SER A 51 -4.53 52.09 4.11
N SER A 51 -4.53 52.09 4.11
CA SER A 51 -4.45 52.83 2.85
CA SER A 51 -4.45 52.83 2.85
C SER A 51 -3.51 52.11 1.87
C SER A 51 -3.51 52.11 1.87
N LYS A 52 -3.86 50.87 1.55
CA LYS A 52 -3.08 50.08 0.61
C LYS A 52 -3.94 49.33 -0.38
N ALA A 53 -5.26 49.56 -0.37
CA ALA A 53 -6.20 48.82 -1.23
C ALA A 53 -6.05 47.31 -1.04
N ASP A 54 -5.87 46.91 0.21
CA ASP A 54 -5.64 45.51 0.57
C ASP A 54 -6.87 44.94 1.25
N GLY A 55 -7.45 43.91 0.66
CA GLY A 55 -8.63 43.27 1.23
C GLY A 55 -9.85 44.14 1.30
N ILE A 56 -10.11 44.94 0.27
CA ILE A 56 -11.25 45.83 0.23
C ILE A 56 -12.19 45.31 -0.84
N ILE A 57 -13.36 44.82 -0.42
CA ILE A 57 -14.33 44.26 -1.36
C ILE A 57 -15.07 45.42 -2.03
N TYR A 58 -15.05 45.44 -3.36
CA TYR A 58 -15.78 46.45 -4.10
C TYR A 58 -17.28 46.30 -3.85
N PRO A 59 -18.01 47.40 -3.68
CA PRO A 59 -19.47 47.29 -3.55
C PRO A 59 -20.09 46.59 -4.76
N GLN A 60 -21.11 45.79 -4.49
CA GLN A 60 -21.74 44.94 -5.50
C GLN A 60 -23.00 45.59 -6.05
N GLY A 61 -23.14 45.55 -7.37
CA GLY A 61 -24.32 46.09 -8.03
C GLY A 61 -24.23 47.53 -8.46
N ARG A 62 -23.16 48.24 -8.12
CA ARG A 62 -23.03 49.64 -8.48
C ARG A 62 -21.56 49.99 -8.66
N THR A 63 -21.32 51.08 -9.39
CA THR A 63 -19.98 51.61 -9.61
C THR A 63 -19.90 53.02 -9.04
N TYR A 64 -18.85 53.29 -8.28
CA TYR A 64 -18.64 54.60 -7.71
C TYR A 64 -17.45 55.29 -8.37
N PHE A 75 -13.84 45.17 6.98
CA PHE A 75 -12.52 45.79 6.88
C PHE A 75 -11.78 45.71 8.22
N PRO A 76 -10.64 45.01 8.24
CA PRO A 76 -9.81 44.90 9.45
C PRO A 76 -9.44 46.26 10.05
N ASP A 80 -2.44 45.06 13.54
CA ASP A 80 -2.98 43.72 13.34
C ASP A 80 -1.94 42.83 12.66
N HIS A 81 -1.35 41.92 13.44
CA HIS A 81 -0.34 41.03 12.87
C HIS A 81 -0.98 39.93 12.02
N GLY A 82 -2.11 39.39 12.46
CA GLY A 82 -2.79 38.35 11.72
C GLY A 82 -2.21 36.97 11.99
N ASP A 83 -2.78 35.98 11.31
CA ASP A 83 -2.35 34.59 11.42
C ASP A 83 -1.49 34.22 10.22
N MET A 84 -0.46 33.42 10.47
CA MET A 84 0.49 33.00 9.44
C MET A 84 0.51 31.48 9.36
N TYR A 85 0.54 30.95 8.14
CA TYR A 85 0.55 29.51 7.87
C TYR A 85 1.65 29.20 6.88
N VAL A 86 2.47 28.20 7.21
CA VAL A 86 3.66 27.85 6.44
C VAL A 86 3.49 26.45 5.86
N TYR A 87 3.88 26.28 4.61
CA TYR A 87 3.89 24.99 3.95
C TYR A 87 5.33 24.65 3.58
N SER A 88 5.79 23.46 3.99
CA SER A 88 7.18 23.06 3.82
C SER A 88 7.25 21.65 3.25
N ALA A 89 8.27 21.42 2.43
CA ALA A 89 8.52 20.09 1.89
C ALA A 89 9.01 19.16 2.99
N GLY A 90 8.71 17.87 2.82
CA GLY A 90 8.99 16.88 3.84
C GLY A 90 10.46 16.52 3.92
N HIS A 91 10.77 15.68 4.91
CA HIS A 91 12.13 15.20 5.08
C HIS A 91 12.54 14.33 3.90
N ALA A 92 13.84 14.24 3.67
CA ALA A 92 14.34 13.52 2.50
C ALA A 92 15.79 13.13 2.72
N THR A 93 16.27 12.25 1.85
CA THR A 93 17.66 11.82 1.80
C THR A 93 18.25 12.20 0.44
N GLY A 94 19.46 11.72 0.18
CA GLY A 94 20.10 12.01 -1.09
C GLY A 94 19.35 11.47 -2.28
N THR A 95 18.68 10.33 -2.13
CA THR A 95 18.01 9.66 -3.24
C THR A 95 16.50 9.57 -3.06
N THR A 96 16.03 9.16 -1.88
CA THR A 96 14.62 8.88 -1.67
C THR A 96 14.05 9.79 -0.58
N PRO A 97 12.91 10.42 -0.82
CA PRO A 97 12.32 11.29 0.20
C PRO A 97 11.83 10.51 1.41
N GLN A 98 11.92 11.16 2.58
CA GLN A 98 11.49 10.60 3.85
C GLN A 98 10.09 11.08 4.20
N LYS A 99 9.68 10.86 5.45
CA LYS A 99 8.34 11.20 5.92
C LYS A 99 8.09 12.71 5.82
N LEU A 100 6.81 13.06 5.87
CA LEU A 100 6.38 14.44 5.69
C LEU A 100 6.81 15.30 6.87
N PHE A 101 6.50 16.59 6.79
CA PHE A 101 6.90 17.55 7.81
C PHE A 101 5.86 18.67 7.81
N VAL A 102 5.01 18.70 8.83
CA VAL A 102 3.97 19.70 8.96
C VAL A 102 4.07 20.34 10.33
N ALA A 103 3.19 21.31 10.59
CA ALA A 103 3.05 21.96 11.88
C ALA A 103 1.66 21.64 12.45
N ASN A 104 1.37 22.22 13.61
CA ASN A 104 0.09 22.00 14.28
C ASN A 104 -0.98 23.00 13.86
N TYR A 105 -1.12 23.15 12.54
CA TYR A 105 -2.14 24.01 11.93
C TYR A 105 -3.49 23.33 11.82
N SER A 106 -3.61 22.06 12.22
CA SER A 106 -4.90 21.37 12.25
C SER A 106 -5.45 21.22 13.66
N GLN A 107 -4.60 21.17 14.68
CA GLN A 107 -5.09 21.10 16.05
C GLN A 107 -5.85 22.36 16.43
N ASP A 108 -5.33 23.52 16.05
CA ASP A 108 -6.00 24.79 16.34
C ASP A 108 -7.19 24.97 15.41
N VAL A 109 -8.35 25.31 15.98
CA VAL A 109 -9.56 25.55 15.21
C VAL A 109 -10.04 26.96 15.54
N LYS A 110 -10.37 27.72 14.50
CA LYS A 110 -10.80 29.11 14.64
C LYS A 110 -12.27 29.24 14.26
N GLN A 111 -12.79 30.46 14.40
CA GLN A 111 -14.21 30.75 14.22
C GLN A 111 -14.41 31.66 13.01
N PHE A 112 -15.40 31.30 12.19
CA PHE A 112 -15.66 32.06 10.96
C PHE A 112 -16.14 33.47 11.27
N ALA A 113 -17.17 33.60 12.12
CA ALA A 113 -17.77 34.89 12.50
C ALA A 113 -18.24 35.58 11.22
N ASN A 114 -17.84 36.83 10.97
CA ASN A 114 -18.23 37.51 9.73
C ASN A 114 -17.41 37.02 8.55
N GLY A 115 -16.13 36.74 8.76
CA GLY A 115 -15.28 36.26 7.69
C GLY A 115 -13.81 36.53 8.01
N PHE A 116 -12.99 36.46 6.97
CA PHE A 116 -11.57 36.76 7.09
C PHE A 116 -11.03 37.09 5.71
N VAL A 117 -9.88 37.75 5.68
CA VAL A 117 -9.23 38.17 4.43
C VAL A 117 -7.95 37.37 4.24
N VAL A 118 -7.74 36.93 3.00
CA VAL A 118 -6.71 35.96 2.64
C VAL A 118 -5.63 36.68 1.83
N ARG A 119 -4.37 36.57 2.26
CA ARG A 119 -3.23 37.11 1.54
C ARG A 119 -2.24 36.00 1.21
N ILE A 120 -1.92 35.86 -0.08
CA ILE A 120 -1.01 34.82 -0.54
C ILE A 120 0.06 35.43 -1.43
N GLY A 121 1.20 34.74 -1.52
CA GLY A 121 2.32 35.16 -2.34
C GLY A 121 2.98 36.44 -1.88
N ALA A 122 3.26 36.55 -0.59
CA ALA A 122 3.75 37.80 -0.03
C ALA A 122 5.22 38.05 -0.37
N ALA A 123 6.11 37.15 0.06
CA ALA A 123 7.54 37.38 0.02
C ALA A 123 8.25 36.52 -1.01
N ALA A 124 7.63 36.34 -2.17
CA ALA A 124 8.29 35.65 -3.27
C ALA A 124 9.32 36.59 -3.92
N ASN A 125 10.11 36.02 -4.82
CA ASN A 125 11.18 36.71 -5.54
C ASN A 125 12.30 37.19 -4.60
N SER A 126 12.39 36.63 -3.40
CA SER A 126 13.46 37.00 -2.47
C SER A 126 14.11 35.76 -1.88
N THR A 127 14.98 35.94 -0.89
CA THR A 127 15.76 34.85 -0.32
C THR A 127 15.09 34.33 0.96
N GLY A 128 14.88 33.04 1.03
CA GLY A 128 14.26 32.44 2.20
C GLY A 128 14.83 31.06 2.48
N THR A 129 14.82 30.69 3.76
CA THR A 129 15.37 29.40 4.17
C THR A 129 14.40 28.28 3.81
N VAL A 130 14.93 27.04 3.85
CA VAL A 130 14.16 25.86 3.45
C VAL A 130 13.46 25.25 4.65
N ILE A 131 13.47 25.97 5.77
CA ILE A 131 12.80 25.59 7.01
C ILE A 131 13.43 24.33 7.61
N ILE A 132 13.52 23.26 6.82
CA ILE A 132 14.03 21.98 7.31
C ILE A 132 15.46 22.11 7.83
N SER A 135 20.46 26.94 7.45
CA SER A 135 21.56 27.55 6.71
C SER A 135 21.23 27.65 5.23
N THR A 136 20.70 26.56 4.68
CA THR A 136 20.35 26.53 3.26
C THR A 136 19.23 27.52 2.96
N SER A 137 19.32 28.16 1.81
CA SER A 137 18.34 29.16 1.39
C SER A 137 18.14 29.07 -0.12
N ALA A 138 17.07 29.68 -0.60
CA ALA A 138 16.73 29.66 -2.02
C ALA A 138 15.74 30.80 -2.30
N THR A 139 15.16 30.78 -3.48
CA THR A 139 14.10 31.72 -3.83
C THR A 139 12.76 31.22 -3.32
N ILE A 140 11.92 32.15 -2.91
CA ILE A 140 10.62 31.83 -2.33
C ILE A 140 9.58 31.71 -3.44
N ARG A 141 8.78 30.66 -3.39
CA ARG A 141 7.77 30.41 -4.40
C ARG A 141 6.37 30.53 -3.80
N LYS A 142 5.37 30.50 -4.68
CA LYS A 142 3.99 30.77 -4.32
C LYS A 142 3.22 29.47 -4.07
N ILE A 143 2.25 29.54 -3.17
CA ILE A 143 1.42 28.41 -2.77
C ILE A 143 -0.04 28.87 -2.72
N TYR A 144 -0.96 27.90 -2.75
CA TYR A 144 -2.38 28.19 -2.80
C TYR A 144 -3.10 27.57 -1.60
N PRO A 145 -4.19 28.18 -1.15
CA PRO A 145 -4.83 27.76 0.10
C PRO A 145 -5.97 26.76 -0.09
N ALA A 146 -6.10 25.88 0.90
CA ALA A 146 -7.19 24.92 0.99
C ALA A 146 -7.94 25.12 2.30
N PHE A 147 -9.28 25.12 2.22
CA PHE A 147 -10.12 25.47 3.36
C PHE A 147 -11.17 24.39 3.61
N MET A 148 -11.54 24.24 4.88
CA MET A 148 -12.58 23.31 5.31
C MET A 148 -13.52 24.04 6.26
N LEU A 149 -14.72 24.36 5.80
CA LEU A 149 -15.66 25.19 6.55
C LEU A 149 -16.87 24.38 6.96
N GLY A 150 -17.22 24.44 8.24
CA GLY A 150 -18.33 23.68 8.77
C GLY A 150 -18.92 24.34 10.00
N SER A 151 -19.94 23.71 10.56
CA SER A 151 -20.68 24.24 11.70
C SER A 151 -20.40 23.53 13.02
N SER A 152 -20.21 22.21 13.00
CA SER A 152 -19.98 21.44 14.22
C SER A 152 -18.58 20.88 14.24
N VAL A 153 -17.83 21.16 15.31
CA VAL A 153 -16.44 20.74 15.45
C VAL A 153 -16.27 20.05 16.79
N GLY A 154 -15.54 18.93 16.80
CA GLY A 154 -15.19 18.23 18.02
C GLY A 154 -13.73 17.86 18.10
N ASN A 155 -13.44 16.59 18.35
CA ASN A 155 -12.07 16.07 18.27
C ASN A 155 -12.13 14.57 18.00
N PHE A 156 -10.99 14.04 17.56
CA PHE A 156 -10.92 12.66 17.12
C PHE A 156 -10.98 11.72 18.33
N SER A 157 -10.96 10.41 18.03
CA SER A 157 -11.02 9.40 19.09
C SER A 157 -9.78 9.47 19.98
N ASP A 158 -8.62 9.76 19.38
CA ASP A 158 -7.38 9.83 20.15
C ASP A 158 -7.43 10.95 21.19
N GLY A 159 -8.21 11.99 20.93
CA GLY A 159 -8.24 13.16 21.79
C GLY A 159 -7.62 14.41 21.18
N LYS A 160 -7.38 14.42 19.87
CA LYS A 160 -6.80 15.56 19.19
C LYS A 160 -7.88 16.31 18.41
N MET A 161 -7.87 17.64 18.52
CA MET A 161 -8.92 18.45 17.93
C MET A 161 -8.73 18.60 16.42
N GLY A 162 -9.83 18.95 15.74
CA GLY A 162 -9.78 19.19 14.32
C GLY A 162 -10.77 18.39 13.50
N ARG A 163 -11.78 17.82 14.16
CA ARG A 163 -12.78 16.99 13.49
C ARG A 163 -14.03 17.79 13.21
N PHE A 164 -14.51 17.71 11.97
CA PHE A 164 -15.71 18.42 11.52
C PHE A 164 -16.84 17.42 11.29
N PHE A 165 -18.00 17.68 11.87
CA PHE A 165 -19.15 16.81 11.75
C PHE A 165 -20.15 17.41 10.76
N ASN A 166 -21.07 16.56 10.30
CA ASN A 166 -22.09 16.93 9.32
C ASN A 166 -21.45 17.39 8.01
N HIS A 167 -22.18 18.19 7.24
CA HIS A 167 -21.66 18.69 5.96
C HIS A 167 -20.53 19.67 6.17
N THR A 168 -19.56 19.62 5.26
CA THR A 168 -18.40 20.49 5.26
C THR A 168 -18.11 20.91 3.83
N LEU A 169 -17.76 22.18 3.68
CA LEU A 169 -17.41 22.76 2.38
C LEU A 169 -15.89 22.85 2.28
N VAL A 170 -15.32 22.19 1.29
CA VAL A 170 -13.87 22.12 1.14
C VAL A 170 -13.48 22.78 -0.18
N LEU A 171 -12.53 23.71 -0.10
CA LEU A 171 -11.93 24.37 -1.25
C LEU A 171 -10.50 23.87 -1.39
N LEU A 172 -10.21 23.18 -2.49
CA LEU A 172 -8.94 22.50 -2.69
C LEU A 172 -8.28 22.98 -3.97
N PRO A 173 -7.08 23.55 -3.92
CA PRO A 173 -6.31 23.79 -5.14
C PRO A 173 -5.87 22.48 -5.78
N ASP A 174 -5.78 22.50 -7.10
CA ASP A 174 -5.48 21.30 -7.87
C ASP A 174 -4.68 21.69 -9.11
N GLY A 175 -4.06 20.68 -9.73
CA GLY A 175 -3.28 20.90 -10.93
C GLY A 175 -2.02 21.72 -10.72
N CYS A 176 -1.35 21.52 -9.60
CA CYS A 176 -0.11 22.25 -9.27
C CYS A 176 -0.33 23.76 -9.30
N GLY A 177 -1.45 24.21 -8.73
CA GLY A 177 -1.75 25.62 -8.65
C GLY A 177 -2.43 26.23 -9.85
N THR A 178 -3.06 25.42 -10.70
CA THR A 178 -3.75 25.92 -11.89
C THR A 178 -5.22 25.52 -11.91
N LEU A 179 -5.80 25.20 -10.76
CA LEU A 179 -7.21 24.81 -10.71
C LEU A 179 -7.71 24.96 -9.28
N LEU A 180 -9.00 25.24 -9.13
CA LEU A 180 -9.64 25.27 -7.82
C LEU A 180 -10.91 24.44 -7.85
N ARG A 181 -11.03 23.50 -6.93
CA ARG A 181 -12.23 22.69 -6.77
C ARG A 181 -12.91 23.08 -5.46
N ALA A 182 -14.24 23.02 -5.46
CA ALA A 182 -15.02 23.38 -4.28
C ALA A 182 -16.18 22.41 -4.15
N PHE A 183 -16.19 21.60 -3.10
CA PHE A 183 -17.21 20.58 -2.96
C PHE A 183 -17.83 20.64 -1.57
N TYR A 184 -19.03 20.06 -1.47
CA TYR A 184 -19.82 20.04 -0.25
C TYR A 184 -20.14 18.60 0.10
N CYS A 185 -19.57 18.09 1.18
CA CYS A 185 -19.74 16.68 1.50
C CYS A 185 -19.41 16.43 2.96
N ILE A 186 -19.68 15.19 3.40
CA ILE A 186 -19.35 14.72 4.73
C ILE A 186 -18.04 13.94 4.67
N LEU A 187 -17.25 14.02 5.73
CA LEU A 187 -15.93 13.41 5.78
C LEU A 187 -15.91 12.29 6.81
N GLU A 188 -15.50 11.10 6.37
CA GLU A 188 -15.39 9.94 7.25
C GLU A 188 -13.93 9.57 7.44
N PRO A 189 -13.39 9.66 8.66
CA PRO A 189 -11.99 9.28 8.87
C PRO A 189 -11.77 7.78 8.69
N ARG A 190 -10.55 7.43 8.31
CA ARG A 190 -10.18 6.05 8.02
C ARG A 190 -9.42 5.44 9.19
N SER A 191 -9.43 4.11 9.24
CA SER A 191 -8.92 3.35 10.38
C SER A 191 -7.60 2.66 10.10
N GLY A 192 -6.88 3.08 9.06
CA GLY A 192 -5.58 2.53 8.77
C GLY A 192 -4.49 3.11 9.65
N ASN A 193 -3.29 2.60 9.49
CA ASN A 193 -2.15 3.11 10.24
C ASN A 193 -1.92 4.58 9.90
N HIS A 194 -1.72 5.40 10.93
CA HIS A 194 -1.46 6.83 10.85
C HIS A 194 -2.67 7.62 10.36
N CYS A 195 -3.81 6.98 10.10
CA CYS A 195 -5.03 7.64 9.70
C CYS A 195 -5.82 8.10 10.92
N PRO A 196 -6.76 9.03 10.77
CA PRO A 196 -7.39 9.64 11.96
C PRO A 196 -8.05 8.66 12.91
N ALA A 197 -8.64 7.59 12.40
CA ALA A 197 -9.28 6.57 13.24
C ALA A 197 -8.43 5.32 13.37
N GLY A 198 -7.10 5.45 13.31
CA GLY A 198 -6.21 4.32 13.43
C GLY A 198 -5.22 4.47 14.56
N ASN A 199 -4.05 3.84 14.44
CA ASN A 199 -3.03 3.84 15.47
C ASN A 199 -1.86 4.73 15.06
N SER A 200 -1.23 5.35 16.07
CA SER A 200 -0.07 6.20 15.88
C SER A 200 -0.34 7.31 14.88
N TYR A 201 -1.30 8.16 15.21
CA TYR A 201 -1.73 9.25 14.36
C TYR A 201 -1.28 10.58 14.95
N THR A 202 -0.63 11.40 14.12
CA THR A 202 -0.17 12.72 14.51
C THR A 202 -1.00 13.85 13.89
N SER A 203 -1.15 13.86 12.57
CA SER A 203 -2.03 14.82 11.90
C SER A 203 -2.27 14.35 10.48
N PHE A 204 -3.29 14.95 9.86
CA PHE A 204 -3.61 14.69 8.46
C PHE A 204 -3.14 15.85 7.60
N ALA A 205 -2.52 15.52 6.47
CA ALA A 205 -1.89 16.52 5.62
C ALA A 205 -2.16 16.20 4.17
N THR A 206 -1.94 17.20 3.32
CA THR A 206 -1.92 17.03 1.88
C THR A 206 -0.47 17.05 1.39
N TYR A 207 -0.20 16.26 0.36
CA TYR A 207 1.14 16.20 -0.21
C TYR A 207 1.03 16.01 -1.72
N HIS A 208 2.06 16.45 -2.43
CA HIS A 208 2.17 16.08 -3.84
C HIS A 208 3.63 16.05 -4.23
N THR A 209 3.91 15.40 -5.36
CA THR A 209 5.28 15.26 -5.82
C THR A 209 5.50 16.01 -7.13
N PRO A 210 6.65 16.65 -7.30
CA PRO A 210 6.85 17.48 -8.49
C PRO A 210 7.33 16.68 -9.70
N ALA A 211 7.97 15.55 -9.45
CA ALA A 211 8.53 14.76 -10.55
C ALA A 211 7.44 14.10 -11.37
N THR A 212 6.33 13.69 -10.74
CA THR A 212 5.27 12.96 -11.42
C THR A 212 3.98 13.76 -11.57
N ASP A 213 3.51 14.39 -10.49
CA ASP A 213 2.23 15.07 -10.54
C ASP A 213 2.28 16.33 -11.39
N CYS A 214 3.41 17.02 -11.43
CA CYS A 214 3.56 18.25 -12.20
C CYS A 214 4.53 18.03 -13.35
N SER A 215 4.09 18.35 -14.56
N SER A 215 4.09 18.35 -14.56
CA SER A 215 4.93 18.24 -15.75
CA SER A 215 4.93 18.24 -15.75
C SER A 215 4.45 19.24 -16.78
C SER A 215 4.45 19.24 -16.78
N ASP A 216 5.33 19.54 -17.73
CA ASP A 216 4.99 20.48 -18.80
C ASP A 216 3.95 19.85 -19.71
N GLY A 217 2.83 20.53 -19.89
CA GLY A 217 1.73 19.99 -20.69
C GLY A 217 0.91 18.91 -20.03
N ASN A 218 1.56 17.91 -19.43
CA ASN A 218 0.86 16.79 -18.80
C ASN A 218 0.74 17.04 -17.30
N TYR A 219 -0.14 17.99 -16.95
CA TYR A 219 -0.40 18.34 -15.57
C TYR A 219 -1.50 17.44 -15.01
N ASN A 220 -1.35 17.05 -13.74
CA ASN A 220 -2.34 16.21 -13.07
C ASN A 220 -3.24 17.09 -12.22
N ARG A 221 -4.53 17.06 -12.51
CA ARG A 221 -5.51 17.89 -11.83
C ARG A 221 -6.13 17.23 -10.60
N ASN A 222 -5.79 15.98 -10.32
CA ASN A 222 -6.38 15.23 -9.22
C ASN A 222 -5.31 14.74 -8.23
N ALA A 223 -4.27 15.54 -8.02
CA ALA A 223 -3.23 15.13 -7.07
C ALA A 223 -3.66 15.40 -5.64
N SER A 224 -3.95 16.66 -5.30
CA SER A 224 -4.36 16.99 -3.95
C SER A 224 -5.69 16.35 -3.59
N LEU A 225 -6.56 16.10 -4.57
CA LEU A 225 -7.79 15.37 -4.28
C LEU A 225 -7.49 13.96 -3.80
N ASN A 226 -6.51 13.29 -4.43
CA ASN A 226 -6.13 11.95 -3.97
C ASN A 226 -5.45 11.99 -2.60
N SER A 227 -4.64 13.03 -2.36
CA SER A 227 -4.04 13.17 -1.03
C SER A 227 -5.11 13.38 0.04
N PHE A 228 -6.16 14.13 -0.28
CA PHE A 228 -7.27 14.30 0.65
C PHE A 228 -8.04 13.00 0.85
N LYS A 229 -8.31 12.28 -0.23
CA LYS A 229 -9.04 11.02 -0.13
C LYS A 229 -8.25 9.95 0.61
N GLU A 230 -6.93 10.11 0.70
CA GLU A 230 -6.10 9.16 1.45
C GLU A 230 -6.54 9.07 2.91
N TYR A 231 -6.86 10.21 3.53
CA TYR A 231 -7.22 10.26 4.94
C TYR A 231 -8.72 10.13 5.17
N PHE A 232 -9.53 10.89 4.41
CA PHE A 232 -10.97 10.96 4.60
C PHE A 232 -11.70 10.34 3.42
N ASN A 233 -12.89 9.81 3.68
CA ASN A 233 -13.80 9.36 2.64
C ASN A 233 -14.93 10.38 2.49
N LEU A 234 -15.19 10.78 1.25
CA LEU A 234 -16.18 11.82 0.96
C LEU A 234 -17.52 11.17 0.68
N ARG A 235 -18.52 11.47 1.52
CA ARG A 235 -19.84 10.87 1.42
C ARG A 235 -20.90 11.95 1.25
N ASN A 236 -21.89 11.67 0.42
CA ASN A 236 -23.05 12.53 0.23
C ASN A 236 -22.63 13.94 -0.20
N CYS A 237 -22.07 13.99 -1.41
CA CYS A 237 -21.58 15.25 -1.99
C CYS A 237 -22.70 15.93 -2.75
N THR A 238 -23.17 17.07 -2.24
CA THR A 238 -24.24 17.80 -2.91
C THR A 238 -23.74 18.46 -4.19
N PHE A 239 -22.60 19.14 -4.13
CA PHE A 239 -22.09 19.82 -5.32
C PHE A 239 -20.56 19.80 -5.34
N MET A 240 -20.03 19.93 -6.56
CA MET A 240 -18.60 19.99 -6.82
C MET A 240 -18.38 20.89 -8.02
N TYR A 241 -17.73 22.04 -7.81
CA TYR A 241 -17.50 23.04 -8.85
C TYR A 241 -16.01 23.19 -9.11
N THR A 242 -15.67 23.52 -10.35
CA THR A 242 -14.28 23.71 -10.76
C THR A 242 -14.10 25.08 -11.39
N TYR A 243 -12.96 25.71 -11.13
CA TYR A 243 -12.57 26.98 -11.73
C TYR A 243 -11.13 26.91 -12.20
N ASN A 244 -10.86 27.46 -13.39
CA ASN A 244 -9.54 27.43 -14.00
C ASN A 244 -8.79 28.72 -13.69
N ILE A 245 -7.55 28.59 -13.24
CA ILE A 245 -6.71 29.71 -12.84
C ILE A 245 -5.39 29.65 -13.58
N THR A 246 -4.93 30.80 -14.06
CA THR A 246 -3.66 30.90 -14.77
C THR A 246 -2.50 31.06 -13.79
N GLU A 247 -1.36 30.47 -14.15
CA GLU A 247 -0.16 30.58 -13.33
C GLU A 247 0.39 32.00 -13.38
N ASP A 248 0.96 32.43 -12.26
CA ASP A 248 1.49 33.78 -12.13
C ASP A 248 2.43 33.83 -10.92
N GLU A 249 2.88 35.03 -10.58
CA GLU A 249 3.66 35.26 -9.37
C GLU A 249 3.19 36.54 -8.68
N ILE A 250 1.88 36.78 -8.71
CA ILE A 250 1.28 38.03 -8.26
C ILE A 250 0.75 37.84 -6.84
N LEU A 251 1.07 38.78 -5.95
CA LEU A 251 0.50 38.79 -4.61
C LEU A 251 -1.02 38.89 -4.71
N GLU A 252 -1.73 38.06 -3.95
CA GLU A 252 -3.16 37.93 -4.13
C GLU A 252 -3.92 38.04 -2.81
N TRP A 253 -5.18 38.45 -2.93
CA TRP A 253 -6.13 38.54 -1.83
C TRP A 253 -7.40 37.79 -2.18
N PHE A 254 -8.08 37.27 -1.16
CA PHE A 254 -9.25 36.42 -1.36
C PHE A 254 -10.21 36.57 -0.18
N GLY A 255 -11.48 36.25 -0.42
CA GLY A 255 -12.49 36.28 0.62
C GLY A 255 -13.72 35.48 0.25
N ILE A 256 -14.51 35.17 1.27
CA ILE A 256 -15.72 34.36 1.13
C ILE A 256 -16.77 34.90 2.09
N THR A 257 -18.00 35.06 1.61
CA THR A 257 -19.08 35.57 2.45
C THR A 257 -20.29 34.64 2.36
N GLN A 258 -21.20 34.77 3.31
CA GLN A 258 -22.46 34.05 3.27
C GLN A 258 -23.61 35.00 3.55
N THR A 259 -24.65 34.92 2.72
CA THR A 259 -25.87 35.68 2.90
C THR A 259 -27.06 34.73 2.87
N ALA A 260 -28.27 35.29 2.78
CA ALA A 260 -29.46 34.43 2.72
C ALA A 260 -29.47 33.60 1.45
N GLN A 261 -29.01 34.16 0.32
CA GLN A 261 -29.07 33.46 -0.95
C GLN A 261 -28.09 32.28 -0.98
N GLY A 262 -26.85 32.51 -0.55
CA GLY A 262 -25.86 31.45 -0.58
C GLY A 262 -24.48 32.02 -0.31
N VAL A 263 -23.48 31.17 -0.49
CA VAL A 263 -22.09 31.55 -0.25
C VAL A 263 -21.53 32.22 -1.50
N HIS A 264 -20.98 33.42 -1.33
CA HIS A 264 -20.43 34.21 -2.42
C HIS A 264 -18.91 34.20 -2.33
N LEU A 265 -18.26 33.92 -3.46
CA LEU A 265 -16.81 33.85 -3.53
C LEU A 265 -16.26 35.16 -4.10
N PHE A 266 -15.29 35.77 -3.42
CA PHE A 266 -14.78 37.10 -3.75
C PHE A 266 -13.29 37.01 -3.99
N SER A 267 -12.90 36.91 -5.26
CA SER A 267 -11.49 36.80 -5.64
C SER A 267 -10.76 38.12 -5.49
N ARG A 269 -9.36 38.97 -10.02
CA ARG A 269 -8.53 38.24 -10.96
C ARG A 269 -8.99 38.44 -12.40
N TYR A 270 -10.27 38.18 -12.66
CA TYR A 270 -10.79 38.36 -14.01
C TYR A 270 -11.05 39.82 -14.34
N VAL A 271 -11.39 40.64 -13.36
CA VAL A 271 -11.68 42.05 -13.56
C VAL A 271 -10.54 42.93 -13.07
N ASP A 272 -10.03 42.67 -11.86
CA ASP A 272 -8.89 43.39 -11.31
C ASP A 272 -7.81 42.39 -10.95
N LEU A 273 -6.58 42.66 -11.35
CA LEU A 273 -5.47 41.73 -11.19
C LEU A 273 -4.33 42.26 -10.35
N TYR A 274 -3.97 43.54 -10.49
CA TYR A 274 -2.87 44.14 -9.75
C TYR A 274 -3.33 45.12 -8.67
N GLY A 275 -4.59 45.56 -8.70
CA GLY A 275 -5.08 46.48 -7.70
C GLY A 275 -5.55 45.84 -6.42
N GLY A 276 -5.76 44.53 -6.41
CA GLY A 276 -6.19 43.84 -5.20
C GLY A 276 -7.58 44.20 -4.72
N ASN A 277 -8.54 44.29 -5.63
CA ASN A 277 -9.93 44.59 -5.29
C ASN A 277 -10.78 43.35 -5.56
N MET A 278 -11.46 42.86 -4.54
CA MET A 278 -12.22 41.63 -4.66
C MET A 278 -13.43 41.82 -5.59
N PHE A 279 -13.83 40.72 -6.23
CA PHE A 279 -15.01 40.71 -7.09
C PHE A 279 -15.62 39.33 -7.06
N GLN A 280 -16.92 39.26 -7.35
CA GLN A 280 -17.65 38.01 -7.28
C GLN A 280 -17.46 37.18 -8.55
N PHE A 281 -17.33 35.87 -8.38
CA PHE A 281 -17.29 34.97 -9.53
C PHE A 281 -18.13 33.70 -9.36
N ALA A 282 -18.63 33.38 -8.17
CA ALA A 282 -19.39 32.15 -8.00
C ALA A 282 -20.27 32.24 -6.76
N THR A 283 -21.46 31.64 -6.86
CA THR A 283 -22.39 31.47 -5.77
C THR A 283 -22.62 29.98 -5.54
N LEU A 284 -22.43 29.55 -4.29
CA LEU A 284 -22.48 28.17 -3.85
C LEU A 284 -23.70 27.96 -2.98
N PRO A 285 -24.53 26.96 -3.27
CA PRO A 285 -25.75 26.75 -2.47
C PRO A 285 -25.46 26.22 -1.08
N VAL A 286 -25.00 27.08 -0.18
CA VAL A 286 -24.75 26.72 1.22
C VAL A 286 -25.71 27.52 2.06
N TYR A 287 -26.64 26.83 2.73
CA TYR A 287 -27.66 27.50 3.53
C TYR A 287 -27.50 27.30 5.03
N ASP A 288 -26.71 26.32 5.47
CA ASP A 288 -26.43 26.19 6.89
C ASP A 288 -25.45 27.27 7.32
N THR A 289 -25.52 27.65 8.59
CA THR A 289 -24.65 28.70 9.11
C THR A 289 -23.24 28.17 9.29
N ILE A 290 -22.26 28.90 8.75
CA ILE A 290 -20.86 28.54 8.89
C ILE A 290 -20.33 29.15 10.18
N LYS A 291 -19.73 28.34 11.03
CA LYS A 291 -19.23 28.79 12.32
C LYS A 291 -17.76 28.54 12.55
N TYR A 292 -17.15 27.56 11.87
CA TYR A 292 -15.74 27.27 12.04
C TYR A 292 -15.10 26.96 10.70
N TYR A 293 -13.82 27.30 10.58
CA TYR A 293 -13.02 27.03 9.39
C TYR A 293 -11.70 26.40 9.80
N SER A 294 -11.12 25.63 8.89
CA SER A 294 -9.88 24.92 9.14
C SER A 294 -8.96 25.03 7.93
N ILE A 295 -7.67 25.17 8.20
CA ILE A 295 -6.63 25.20 7.17
C ILE A 295 -5.94 23.84 7.13
N ILE A 296 -5.59 23.39 5.94
CA ILE A 296 -5.05 22.06 5.72
C ILE A 296 -3.57 22.19 5.33
N PRO A 297 -2.64 21.65 6.12
CA PRO A 297 -1.23 21.77 5.77
C PRO A 297 -0.85 21.00 4.52
N HIS A 298 0.21 21.46 3.86
CA HIS A 298 0.63 20.93 2.57
C HIS A 298 2.12 20.63 2.59
N SER A 299 2.53 19.66 1.78
CA SER A 299 3.94 19.33 1.64
C SER A 299 4.20 18.75 0.26
N ILE A 300 5.47 18.87 -0.16
CA ILE A 300 5.93 18.42 -1.47
C ILE A 300 7.03 17.40 -1.25
N ARG A 301 6.90 16.24 -1.90
CA ARG A 301 7.86 15.16 -1.76
C ARG A 301 9.06 15.45 -2.67
N SER A 302 10.07 16.10 -2.10
CA SER A 302 11.26 16.50 -2.85
C SER A 302 12.52 16.13 -2.08
N ILE A 303 13.58 15.84 -2.82
CA ILE A 303 14.88 15.47 -2.28
C ILE A 303 15.65 16.72 -1.89
N GLN A 304 16.78 16.55 -1.19
CA GLN A 304 17.54 17.69 -0.68
C GLN A 304 17.90 18.69 -1.77
N SER A 305 18.33 18.19 -2.93
CA SER A 305 18.73 19.08 -4.02
C SER A 305 17.55 19.83 -4.62
N ASP A 306 16.32 19.39 -4.37
CA ASP A 306 15.13 20.01 -4.92
C ASP A 306 14.43 20.94 -3.94
N ARG A 307 15.04 21.22 -2.79
CA ARG A 307 14.39 22.04 -1.78
C ARG A 307 14.25 23.48 -2.26
N LYS A 308 13.00 23.96 -2.30
CA LYS A 308 12.71 25.35 -2.65
C LYS A 308 11.88 25.96 -1.53
N ALA A 309 12.28 27.14 -1.08
CA ALA A 309 11.55 27.83 -0.02
C ALA A 309 10.20 28.31 -0.53
N TRP A 310 9.22 28.36 0.38
CA TRP A 310 7.85 28.69 0.03
C TRP A 310 7.35 29.88 0.85
N ALA A 311 6.29 30.51 0.33
CA ALA A 311 5.80 31.77 0.86
C ALA A 311 4.80 31.55 1.99
N ALA A 312 4.92 32.37 3.04
CA ALA A 312 3.95 32.33 4.13
C ALA A 312 2.61 32.85 3.67
N PHE A 313 1.54 32.24 4.17
CA PHE A 313 0.17 32.54 3.76
C PHE A 313 -0.56 33.13 4.96
N TYR A 314 -1.11 34.33 4.80
CA TYR A 314 -1.63 35.10 5.92
C TYR A 314 -3.15 35.20 5.87
N VAL A 315 -3.78 35.16 7.05
CA VAL A 315 -5.22 35.33 7.18
C VAL A 315 -5.47 36.35 8.29
N TYR A 316 -6.27 37.38 7.99
CA TYR A 316 -6.58 38.42 8.95
C TYR A 316 -8.07 38.42 9.26
N LYS A 317 -8.40 38.63 10.53
CA LYS A 317 -9.80 38.61 10.96
C LYS A 317 -10.55 39.79 10.36
N LEU A 318 -11.76 39.52 9.87
CA LEU A 318 -12.59 40.55 9.25
C LEU A 318 -13.49 41.19 10.31
N GLN A 319 -12.85 41.98 11.17
CA GLN A 319 -13.60 42.72 12.19
C GLN A 319 -14.45 43.80 11.52
N PRO A 320 -15.75 43.86 11.80
CA PRO A 320 -16.59 44.90 11.19
C PRO A 320 -16.29 46.26 11.80
N LEU A 321 -15.82 47.19 10.97
CA LEU A 321 -15.53 48.55 11.42
C LEU A 321 -16.11 49.57 10.45
N LEU A 325 -13.01 55.78 2.28
CA LEU A 325 -12.63 55.19 1.01
C LEU A 325 -12.26 56.26 -0.01
N ASP A 326 -11.07 56.14 -0.58
CA ASP A 326 -10.57 57.04 -1.61
C ASP A 326 -10.53 56.30 -2.94
N PHE A 327 -11.20 56.85 -3.95
CA PHE A 327 -11.30 56.21 -5.25
C PHE A 327 -10.25 56.77 -6.21
N SER A 328 -10.08 56.06 -7.32
CA SER A 328 -9.14 56.47 -8.35
C SER A 328 -9.88 56.87 -9.63
N GLY A 331 -13.52 52.61 -11.80
CA GLY A 331 -12.64 53.09 -10.75
C GLY A 331 -12.33 52.05 -9.70
N TYR A 332 -11.20 52.22 -9.02
CA TYR A 332 -10.77 51.31 -7.97
C TYR A 332 -10.37 52.11 -6.74
N ILE A 333 -10.56 51.51 -5.56
CA ILE A 333 -10.17 52.15 -4.31
C ILE A 333 -8.66 52.08 -4.17
N ARG A 334 -8.05 53.19 -3.79
CA ARG A 334 -6.62 53.23 -3.52
C ARG A 334 -6.33 53.92 -2.20
N ALA A 336 -8.66 54.40 2.10
CA ALA A 336 -9.22 53.81 3.32
C ALA A 336 -8.34 54.11 4.53
N ILE A 337 -8.95 54.71 5.55
CA ILE A 337 -8.26 55.07 6.79
C ILE A 337 -9.11 54.60 7.96
N ASP A 338 -8.47 53.95 8.93
CA ASP A 338 -9.19 53.49 10.11
C ASP A 338 -9.73 54.67 10.91
N CYS A 339 -11.02 54.59 11.25
CA CYS A 339 -11.64 55.67 12.00
C CYS A 339 -11.05 55.79 13.40
N GLY A 340 -10.80 54.68 14.07
CA GLY A 340 -10.24 54.69 15.40
C GLY A 340 -8.74 54.82 15.42
N VAL B 2 1.46 -3.29 -13.98
CA VAL B 2 2.23 -3.35 -12.75
C VAL B 2 2.74 -4.76 -12.52
N GLN B 3 4.01 -4.88 -12.14
CA GLN B 3 4.60 -6.20 -11.91
C GLN B 3 5.81 -6.05 -11.02
N LEU B 4 6.19 -7.17 -10.40
CA LEU B 4 7.36 -7.25 -9.52
C LEU B 4 8.18 -8.48 -9.91
N VAL B 5 9.50 -8.31 -10.03
CA VAL B 5 10.40 -9.39 -10.39
C VAL B 5 11.55 -9.43 -9.39
N GLU B 6 11.84 -10.59 -8.83
CA GLU B 6 12.85 -10.72 -7.80
C GLU B 6 14.04 -11.54 -8.28
N SER B 7 15.18 -11.33 -7.62
CA SER B 7 16.40 -12.06 -7.95
C SER B 7 17.36 -12.01 -6.76
N GLY B 8 18.32 -12.93 -6.77
CA GLY B 8 19.37 -12.95 -5.76
C GLY B 8 19.33 -14.11 -4.80
N GLY B 9 18.91 -15.29 -5.25
CA GLY B 9 18.79 -16.46 -4.41
C GLY B 9 19.65 -17.61 -4.88
N GLY B 10 20.11 -18.41 -3.93
CA GLY B 10 20.93 -19.57 -4.25
C GLY B 10 21.51 -20.18 -3.00
N LEU B 11 22.31 -21.23 -3.21
CA LEU B 11 22.95 -21.92 -2.10
C LEU B 11 24.01 -21.04 -1.46
N ILE B 12 24.02 -20.99 -0.13
CA ILE B 12 24.99 -20.19 0.61
C ILE B 12 25.46 -20.98 1.82
N GLN B 13 26.76 -20.95 2.08
CA GLN B 13 27.31 -21.55 3.28
C GLN B 13 26.88 -20.74 4.51
N PRO B 14 26.76 -21.37 5.68
CA PRO B 14 26.31 -20.65 6.86
C PRO B 14 27.38 -19.70 7.38
N GLY B 15 26.94 -18.64 8.03
CA GLY B 15 27.81 -17.57 8.47
C GLY B 15 28.11 -16.50 7.44
N GLY B 16 27.45 -16.53 6.29
CA GLY B 16 27.69 -15.58 5.22
C GLY B 16 26.46 -14.77 4.86
N SER B 17 26.69 -13.69 4.12
CA SER B 17 25.66 -12.73 3.77
C SER B 17 25.06 -13.05 2.40
N LEU B 18 24.01 -12.30 2.07
CA LEU B 18 23.27 -12.45 0.81
C LEU B 18 22.42 -11.21 0.61
N ARG B 19 21.98 -11.00 -0.63
CA ARG B 19 21.11 -9.88 -0.93
C ARG B 19 20.00 -10.32 -1.88
N LEU B 20 18.80 -9.80 -1.66
CA LEU B 20 17.66 -10.03 -2.53
C LEU B 20 17.16 -8.71 -3.08
N SER B 21 16.91 -8.66 -4.39
CA SER B 21 16.47 -7.44 -5.07
C SER B 21 15.14 -7.67 -5.75
N CYS B 22 14.26 -6.68 -5.65
CA CYS B 22 12.91 -6.73 -6.21
C CYS B 22 12.69 -5.49 -7.06
N ALA B 23 12.42 -5.69 -8.34
CA ALA B 23 12.25 -4.60 -9.30
C ALA B 23 10.77 -4.45 -9.63
N ALA B 24 10.30 -3.20 -9.62
CA ALA B 24 8.89 -2.87 -9.77
C ALA B 24 8.66 -2.10 -11.06
N SER B 25 7.61 -2.49 -11.79
CA SER B 25 7.25 -1.84 -13.04
C SER B 25 5.79 -1.41 -13.01
N GLY B 26 5.52 -0.22 -13.54
CA GLY B 26 4.18 0.32 -13.59
C GLY B 26 3.84 1.34 -12.54
N PHE B 27 4.75 1.63 -11.61
CA PHE B 27 4.50 2.58 -10.53
C PHE B 27 5.85 3.02 -9.96
N THR B 28 5.80 3.69 -8.81
CA THR B 28 6.98 4.15 -8.11
C THR B 28 6.99 3.59 -6.69
N VAL B 29 8.19 3.30 -6.18
CA VAL B 29 8.31 2.64 -4.88
C VAL B 29 7.87 3.57 -3.76
N ILE B 30 8.20 4.86 -3.87
CA ILE B 30 7.97 5.80 -2.78
C ILE B 30 6.49 6.05 -2.49
N ASP B 31 5.59 5.63 -3.38
CA ASP B 31 4.18 5.90 -3.16
C ASP B 31 3.60 5.03 -2.06
N TYR B 32 3.90 3.74 -2.08
CA TYR B 32 3.29 2.77 -1.18
C TYR B 32 4.34 2.02 -0.38
N TYR B 33 3.95 1.54 0.80
CA TYR B 33 4.84 0.73 1.62
C TYR B 33 4.93 -0.67 1.05
N MET B 34 6.03 -1.35 1.35
CA MET B 34 6.29 -2.67 0.78
C MET B 34 6.81 -3.61 1.86
N THR B 35 6.56 -4.90 1.66
CA THR B 35 6.78 -5.90 2.69
C THR B 35 7.59 -7.07 2.15
N TRP B 36 8.53 -7.55 2.95
CA TRP B 36 9.28 -8.77 2.67
C TRP B 36 8.69 -9.89 3.51
N VAL B 37 8.29 -10.98 2.85
CA VAL B 37 7.61 -12.09 3.50
C VAL B 37 8.27 -13.40 3.04
N ARG B 38 8.65 -14.24 4.00
CA ARG B 38 9.26 -15.52 3.67
C ARG B 38 8.32 -16.68 3.99
N GLN B 39 8.63 -17.83 3.39
CA GLN B 39 7.83 -19.03 3.59
C GLN B 39 8.77 -20.24 3.54
N ALA B 40 8.89 -20.96 4.65
CA ALA B 40 9.76 -22.11 4.70
C ALA B 40 9.20 -23.25 3.87
N PRO B 41 10.05 -24.13 3.33
CA PRO B 41 9.56 -25.26 2.54
C PRO B 41 8.80 -26.25 3.39
N GLY B 42 7.49 -26.38 3.15
CA GLY B 42 6.65 -27.24 3.96
C GLY B 42 6.12 -26.61 5.23
N LYS B 43 6.37 -25.33 5.46
CA LYS B 43 5.87 -24.60 6.61
C LYS B 43 5.04 -23.42 6.15
N GLY B 44 4.54 -22.65 7.12
CA GLY B 44 3.60 -21.59 6.83
C GLY B 44 4.26 -20.26 6.50
N LEU B 45 3.42 -19.30 6.10
CA LEU B 45 3.87 -17.97 5.74
C LEU B 45 4.41 -17.25 6.96
N GLU B 46 5.36 -16.33 6.73
CA GLU B 46 5.97 -15.57 7.80
C GLU B 46 6.37 -14.21 7.29
N TRP B 47 6.23 -13.19 8.14
CA TRP B 47 6.46 -11.80 7.78
C TRP B 47 7.87 -11.43 8.23
N VAL B 48 8.73 -11.06 7.29
CA VAL B 48 10.11 -10.76 7.62
C VAL B 48 10.28 -9.29 7.98
N SER B 49 9.83 -8.40 7.10
CA SER B 49 10.06 -6.98 7.35
C SER B 49 9.02 -6.14 6.61
N VAL B 50 8.89 -4.89 7.05
CA VAL B 50 8.05 -3.90 6.37
C VAL B 50 8.79 -2.58 6.30
N ILE B 51 8.67 -1.91 5.16
CA ILE B 51 9.20 -0.56 4.96
C ILE B 51 8.04 0.34 4.54
N TYR B 52 7.89 1.46 5.24
CA TYR B 52 6.78 2.38 5.04
C TYR B 52 7.28 3.61 4.28
N ALA B 53 6.38 4.24 3.54
CA ALA B 53 6.68 5.52 2.91
C ALA B 53 7.11 6.50 3.99
N GLY B 54 8.38 6.88 4.00
CA GLY B 54 8.93 7.68 5.08
C GLY B 54 10.11 7.00 5.74
N GLY B 55 10.55 5.88 5.19
CA GLY B 55 11.75 5.22 5.65
C GLY B 55 11.71 4.67 7.05
N SER B 56 10.55 4.18 7.49
CA SER B 56 10.41 3.53 8.80
C SER B 56 10.28 2.04 8.57
N THR B 57 11.27 1.29 9.05
CA THR B 57 11.39 -0.14 8.81
C THR B 57 11.18 -0.91 10.10
N TYR B 58 10.41 -2.00 10.02
CA TYR B 58 10.12 -2.82 11.18
C TYR B 58 10.36 -4.29 10.83
N TYR B 59 11.14 -4.98 11.68
CA TYR B 59 11.56 -6.35 11.46
C TYR B 59 11.00 -7.27 12.54
N ALA B 60 11.00 -8.56 12.24
CA ALA B 60 10.50 -9.57 13.16
C ALA B 60 11.56 -9.94 14.20
N ASP B 61 11.10 -10.51 15.31
CA ASP B 61 12.00 -10.81 16.41
C ASP B 61 12.99 -11.92 16.07
N SER B 62 12.57 -12.90 15.27
CA SER B 62 13.45 -14.01 14.93
C SER B 62 14.50 -13.64 13.90
N VAL B 63 14.36 -12.49 13.23
CA VAL B 63 15.31 -12.03 12.24
C VAL B 63 15.98 -10.72 12.62
N LYS B 64 15.61 -10.13 13.75
CA LYS B 64 16.18 -8.86 14.15
C LYS B 64 17.67 -8.99 14.44
N GLY B 65 18.44 -7.98 14.03
CA GLY B 65 19.87 -7.99 14.20
C GLY B 65 20.65 -8.67 13.09
N ARG B 66 19.97 -9.24 12.10
CA ARG B 66 20.64 -9.89 10.99
C ARG B 66 20.18 -9.39 9.63
N PHE B 67 18.89 -9.11 9.47
CA PHE B 67 18.34 -8.70 8.18
C PHE B 67 18.17 -7.18 8.15
N THR B 68 18.16 -6.63 6.94
CA THR B 68 17.93 -5.21 6.73
C THR B 68 17.15 -5.00 5.44
N VAL B 69 16.23 -4.05 5.45
CA VAL B 69 15.41 -3.72 4.29
C VAL B 69 15.62 -2.27 3.91
N SER B 70 15.70 -2.01 2.61
CA SER B 70 15.83 -0.64 2.10
C SER B 70 15.27 -0.61 0.69
N ARG B 71 15.34 0.56 0.06
CA ARG B 71 14.88 0.70 -1.32
C ARG B 71 15.70 1.77 -2.01
N ASP B 72 15.74 1.68 -3.34
CA ASP B 72 16.47 2.60 -4.20
C ASP B 72 15.46 3.27 -5.13
N TYR B 73 15.42 4.61 -5.08
CA TYR B 73 14.46 5.38 -5.86
C TYR B 73 14.81 5.39 -7.34
N SER B 74 16.09 5.63 -7.66
CA SER B 74 16.48 5.79 -9.07
C SER B 74 16.21 4.53 -9.86
N ARG B 75 16.53 3.37 -9.31
CA ARG B 75 16.31 2.10 -9.99
C ARG B 75 14.92 1.52 -9.74
N ASN B 76 14.14 2.10 -8.84
CA ASN B 76 12.85 1.56 -8.42
C ASN B 76 13.00 0.13 -7.93
N THR B 77 13.80 -0.04 -6.87
CA THR B 77 14.13 -1.37 -6.38
C THR B 77 13.96 -1.47 -4.88
N LEU B 78 13.76 -2.70 -4.42
CA LEU B 78 13.59 -3.03 -3.01
C LEU B 78 14.63 -4.09 -2.63
N TYR B 79 15.43 -3.81 -1.59
CA TYR B 79 16.57 -4.63 -1.25
C TYR B 79 16.45 -5.20 0.17
N LEU B 80 16.86 -6.46 0.33
CA LEU B 80 16.91 -7.13 1.63
C LEU B 80 18.26 -7.81 1.78
N GLN B 81 19.01 -7.40 2.80
CA GLN B 81 20.35 -7.91 3.06
C GLN B 81 20.31 -8.84 4.27
N MET B 82 20.88 -10.04 4.12
CA MET B 82 20.89 -11.06 5.14
C MET B 82 22.32 -11.33 5.60
N ASN B 83 22.56 -11.26 6.90
CA ASN B 83 23.88 -11.47 7.46
C ASN B 83 23.78 -12.51 8.57
N SER B 84 24.90 -13.18 8.83
CA SER B 84 25.00 -14.21 9.85
C SER B 84 23.94 -15.29 9.63
N LEU B 85 23.78 -15.71 8.38
CA LEU B 85 22.75 -16.68 8.03
C LEU B 85 22.99 -18.01 8.72
N LYS B 86 21.90 -18.72 8.99
CA LYS B 86 21.95 -20.06 9.55
C LYS B 86 21.02 -20.96 8.75
N ALA B 87 21.09 -22.26 9.03
CA ALA B 87 20.30 -23.23 8.27
C ALA B 87 18.80 -23.01 8.41
N GLU B 88 18.37 -22.34 9.48
CA GLU B 88 16.94 -22.09 9.68
C GLU B 88 16.40 -21.11 8.65
N ASP B 89 17.22 -20.18 8.17
CA ASP B 89 16.78 -19.16 7.22
C ASP B 89 16.87 -19.66 5.78
N THR B 90 16.29 -20.83 5.53
CA THR B 90 16.20 -21.43 4.20
C THR B 90 14.73 -21.47 3.81
N ALA B 91 14.36 -20.74 2.77
CA ALA B 91 12.95 -20.54 2.49
C ALA B 91 12.79 -19.85 1.14
N VAL B 92 11.55 -19.63 0.74
CA VAL B 92 11.20 -18.87 -0.45
C VAL B 92 10.74 -17.49 0.00
N TYR B 93 11.39 -16.44 -0.51
CA TYR B 93 11.12 -15.08 -0.11
C TYR B 93 10.35 -14.33 -1.20
N TYR B 94 9.56 -13.34 -0.78
CA TYR B 94 8.72 -12.54 -1.66
C TYR B 94 8.77 -11.08 -1.23
N CYS B 95 8.59 -10.20 -2.22
CA CYS B 95 8.36 -8.77 -2.03
C CYS B 95 6.92 -8.47 -2.42
N THR B 96 6.23 -7.65 -1.63
CA THR B 96 4.82 -7.37 -1.85
C THR B 96 4.56 -5.88 -1.72
N ARG B 97 3.63 -5.39 -2.54
CA ARG B 97 3.31 -3.96 -2.64
C ARG B 97 1.95 -3.66 -2.02
N ASP B 98 1.82 -2.44 -1.50
CA ASP B 98 0.60 -2.04 -0.80
C ASP B 98 -0.55 -1.82 -1.77
N TYR B 99 -1.72 -2.28 -1.36
CA TYR B 99 -2.95 -2.22 -2.14
C TYR B 99 -4.10 -2.09 -1.16
N LEU B 100 -5.31 -2.50 -1.57
CA LEU B 100 -6.45 -2.54 -0.66
C LEU B 100 -6.06 -3.13 0.70
N ALA B 101 -5.17 -4.11 0.72
CA ALA B 101 -4.60 -4.65 1.95
C ALA B 101 -3.08 -4.58 1.87
N ALA B 102 -2.42 -5.21 2.85
CA ALA B 102 -0.96 -5.22 2.86
C ALA B 102 -0.40 -6.04 1.70
N GLY B 103 -0.87 -7.27 1.52
CA GLY B 103 -0.43 -8.12 0.44
C GLY B 103 -1.30 -8.10 -0.79
N GLY B 104 -1.42 -6.96 -1.46
CA GLY B 104 -2.33 -6.86 -2.59
C GLY B 104 -1.71 -7.33 -3.90
N LEU B 105 -0.43 -7.02 -4.11
CA LEU B 105 0.20 -7.26 -5.41
C LEU B 105 0.99 -8.57 -5.47
N TRP B 106 1.78 -8.86 -4.44
CA TRP B 106 2.59 -10.07 -4.33
C TRP B 106 3.69 -10.13 -5.39
N GLY B 107 4.53 -11.16 -5.32
CA GLY B 107 5.66 -11.30 -6.23
C GLY B 107 5.78 -12.69 -6.81
N GLN B 108 6.98 -13.08 -7.23
CA GLN B 108 7.21 -14.38 -7.86
C GLN B 108 7.92 -15.38 -6.95
N GLY B 109 8.91 -14.93 -6.18
CA GLY B 109 9.57 -15.82 -5.23
C GLY B 109 11.02 -16.10 -5.54
N ALA B 110 11.84 -16.24 -4.49
CA ALA B 110 13.24 -16.60 -4.65
C ALA B 110 13.65 -17.54 -3.53
N LEU B 111 14.28 -18.66 -3.88
CA LEU B 111 14.63 -19.71 -2.93
C LEU B 111 16.04 -19.48 -2.42
N VAL B 112 16.21 -19.51 -1.10
CA VAL B 112 17.51 -19.35 -0.46
C VAL B 112 17.77 -20.57 0.41
N THR B 113 18.87 -21.26 0.14
CA THR B 113 19.29 -22.47 0.85
C THR B 113 20.60 -22.18 1.59
N VAL B 114 20.62 -22.45 2.89
CA VAL B 114 21.78 -22.16 3.73
C VAL B 114 22.33 -23.49 4.22
N SER B 115 23.39 -23.98 3.56
CA SER B 115 24.01 -25.24 3.92
C SER B 115 25.43 -25.25 3.37
N SER B 116 26.21 -26.23 3.83
CA SER B 116 27.60 -26.37 3.40
C SER B 116 27.79 -27.42 2.32
N ALA B 117 26.80 -28.26 2.06
CA ALA B 117 26.95 -29.34 1.09
C ALA B 117 27.22 -28.79 -0.30
N SER B 118 28.22 -29.36 -0.98
CA SER B 118 28.59 -28.90 -2.30
C SER B 118 27.52 -29.23 -3.32
N THR B 119 27.41 -28.38 -4.34
CA THR B 119 26.40 -28.57 -5.37
C THR B 119 26.75 -29.76 -6.26
N LYS B 120 25.73 -30.52 -6.63
CA LYS B 120 25.90 -31.67 -7.50
C LYS B 120 24.69 -31.78 -8.42
N GLY B 121 24.94 -32.12 -9.68
CA GLY B 121 23.89 -32.31 -10.63
C GLY B 121 23.17 -33.63 -10.40
N PRO B 122 22.03 -33.81 -11.05
CA PRO B 122 21.26 -35.04 -10.87
C PRO B 122 21.91 -36.21 -11.61
N SER B 123 21.42 -37.40 -11.28
CA SER B 123 21.79 -38.64 -11.97
C SER B 123 20.50 -39.32 -12.39
N VAL B 124 19.97 -38.93 -13.56
CA VAL B 124 18.70 -39.45 -14.02
C VAL B 124 18.85 -40.94 -14.36
N PHE B 125 17.76 -41.68 -14.20
CA PHE B 125 17.80 -43.12 -14.41
C PHE B 125 16.70 -43.55 -15.36
N PRO B 126 16.90 -44.65 -16.08
CA PRO B 126 15.93 -45.06 -17.10
C PRO B 126 14.57 -45.39 -16.50
N LEU B 127 13.55 -45.25 -17.32
CA LEU B 127 12.18 -45.52 -16.93
C LEU B 127 11.97 -47.01 -16.71
N ALA B 128 10.96 -47.35 -15.93
CA ALA B 128 10.64 -48.74 -15.58
C ALA B 128 9.18 -49.03 -15.85
N PRO B 129 8.81 -49.21 -17.13
CA PRO B 129 7.44 -49.60 -17.48
C PRO B 129 7.16 -51.07 -17.20
N ALA B 140 2.13 -46.49 -17.20
CA ALA B 140 2.92 -46.14 -16.02
C ALA B 140 4.41 -46.13 -16.34
N LEU B 141 5.00 -44.94 -16.40
CA LEU B 141 6.41 -44.82 -16.74
C LEU B 141 6.91 -43.44 -16.31
N GLY B 142 8.14 -43.38 -15.84
CA GLY B 142 8.69 -42.11 -15.39
C GLY B 142 10.19 -42.22 -15.15
N CYS B 143 10.82 -41.05 -15.06
CA CYS B 143 12.26 -40.96 -14.88
C CYS B 143 12.57 -40.53 -13.46
N LEU B 144 13.44 -41.30 -12.79
CA LEU B 144 13.76 -41.08 -11.38
C LEU B 144 15.04 -40.28 -11.27
N VAL B 145 15.01 -39.22 -10.46
CA VAL B 145 16.13 -38.31 -10.28
C VAL B 145 16.70 -38.51 -8.90
N LYS B 146 18.02 -38.53 -8.78
CA LYS B 146 18.68 -38.93 -7.56
C LYS B 146 19.98 -38.15 -7.37
N ASP B 147 20.28 -37.80 -6.11
CA ASP B 147 21.57 -37.24 -5.70
C ASP B 147 21.89 -35.94 -6.45
N TYR B 148 21.07 -34.93 -6.19
CA TYR B 148 21.29 -33.58 -6.70
C TYR B 148 21.19 -32.59 -5.56
N PHE B 149 21.87 -31.46 -5.71
CA PHE B 149 21.92 -30.44 -4.67
C PHE B 149 22.31 -29.09 -5.27
N PRO B 150 21.55 -28.02 -4.98
CA PRO B 150 20.29 -27.96 -4.23
C PRO B 150 19.05 -28.02 -5.12
N GLU B 151 17.87 -27.89 -4.50
CA GLU B 151 16.61 -27.89 -5.23
C GLU B 151 16.44 -26.59 -6.00
N PRO B 152 15.58 -26.57 -7.03
CA PRO B 152 14.78 -27.67 -7.58
C PRO B 152 15.24 -28.15 -8.96
N VAL B 153 14.57 -29.17 -9.48
CA VAL B 153 14.75 -29.63 -10.86
C VAL B 153 13.42 -29.48 -11.57
N THR B 154 13.44 -28.86 -12.75
CA THR B 154 12.25 -28.73 -13.58
C THR B 154 12.13 -29.96 -14.45
N VAL B 155 11.01 -30.66 -14.37
CA VAL B 155 10.79 -31.90 -15.10
C VAL B 155 9.62 -31.71 -16.05
N SER B 156 9.85 -32.02 -17.32
CA SER B 156 8.83 -31.98 -18.36
C SER B 156 8.93 -33.24 -19.20
N TRP B 157 7.92 -33.47 -20.02
CA TRP B 157 7.85 -34.67 -20.83
C TRP B 157 7.53 -34.32 -22.27
N ASN B 158 8.29 -34.91 -23.20
CA ASN B 158 8.13 -34.68 -24.63
C ASN B 158 8.27 -33.20 -24.98
N SER B 159 9.23 -32.53 -24.33
CA SER B 159 9.53 -31.12 -24.59
C SER B 159 8.29 -30.24 -24.42
N GLY B 160 7.50 -30.53 -23.39
CA GLY B 160 6.30 -29.78 -23.12
C GLY B 160 5.04 -30.29 -23.77
N ALA B 161 5.15 -31.30 -24.64
CA ALA B 161 3.95 -31.85 -25.28
C ALA B 161 3.05 -32.55 -24.27
N LEU B 162 3.64 -33.29 -23.33
CA LEU B 162 2.89 -34.03 -22.32
C LEU B 162 2.66 -33.14 -21.11
N THR B 163 1.39 -32.90 -20.80
CA THR B 163 1.03 -32.13 -19.60
C THR B 163 -0.02 -32.90 -18.80
N SER B 164 -0.86 -33.66 -19.49
CA SER B 164 -1.87 -34.47 -18.83
C SER B 164 -1.29 -35.79 -18.36
N GLY B 165 -1.71 -36.23 -17.18
CA GLY B 165 -1.21 -37.45 -16.58
C GLY B 165 0.14 -37.31 -15.90
N VAL B 166 0.73 -36.12 -15.89
CA VAL B 166 2.03 -35.89 -15.29
C VAL B 166 1.84 -35.62 -13.81
N HIS B 167 2.45 -36.45 -12.97
CA HIS B 167 2.42 -36.28 -11.51
C HIS B 167 3.87 -36.22 -11.03
N THR B 168 4.32 -35.02 -10.69
CA THR B 168 5.68 -34.81 -10.22
C THR B 168 5.67 -34.69 -8.69
N PHE B 169 6.45 -35.54 -8.00
CA PHE B 169 6.51 -35.56 -6.55
C PHE B 169 7.65 -34.69 -6.04
N PRO B 170 7.48 -34.05 -4.88
CA PRO B 170 8.56 -33.24 -4.32
C PRO B 170 9.73 -34.10 -3.84
N ALA B 171 10.90 -33.48 -3.83
CA ALA B 171 12.11 -34.20 -3.42
C ALA B 171 12.08 -34.52 -1.93
N VAL B 172 12.52 -35.73 -1.59
CA VAL B 172 12.61 -36.18 -0.21
C VAL B 172 14.03 -36.65 0.04
N LEU B 173 14.64 -36.18 1.13
CA LEU B 173 16.00 -36.54 1.47
C LEU B 173 16.09 -37.99 1.92
N SER B 176 22.70 -38.75 3.25
CA SER B 176 23.80 -37.92 2.81
C SER B 176 23.35 -36.49 2.52
N GLY B 177 22.07 -36.22 2.79
CA GLY B 177 21.49 -34.93 2.49
C GLY B 177 21.39 -34.62 1.01
N LEU B 178 21.04 -35.61 0.20
CA LEU B 178 20.91 -35.46 -1.24
C LEU B 178 19.47 -35.72 -1.65
N TYR B 179 18.94 -34.87 -2.52
CA TYR B 179 17.54 -34.93 -2.89
C TYR B 179 17.28 -36.03 -3.92
N SER B 180 16.08 -36.59 -3.86
CA SER B 180 15.67 -37.64 -4.78
C SER B 180 14.18 -37.52 -5.01
N LEU B 181 13.75 -37.75 -6.25
CA LEU B 181 12.33 -37.63 -6.58
C LEU B 181 12.03 -38.48 -7.81
N SER B 182 10.74 -38.52 -8.16
CA SER B 182 10.27 -39.24 -9.32
C SER B 182 9.20 -38.41 -10.02
N SER B 183 8.93 -38.74 -11.28
CA SER B 183 7.92 -38.05 -12.05
C SER B 183 7.28 -39.08 -12.97
N VAL B 184 6.13 -39.62 -12.56
CA VAL B 184 5.48 -40.73 -13.25
C VAL B 184 4.34 -40.18 -14.09
N VAL B 185 4.26 -40.62 -15.34
CA VAL B 185 3.17 -40.29 -16.24
C VAL B 185 2.55 -41.60 -16.72
N THR B 186 1.36 -41.48 -17.30
CA THR B 186 0.65 -42.64 -17.83
C THR B 186 0.09 -42.36 -19.21
N TYR B 197 8.15 -41.36 -25.33
CA TYR B 197 8.09 -40.57 -24.10
C TYR B 197 9.49 -40.26 -23.61
N ILE B 198 9.82 -38.98 -23.50
CA ILE B 198 11.16 -38.53 -23.14
C ILE B 198 11.08 -37.61 -21.93
N CYS B 199 11.92 -37.86 -20.93
CA CYS B 199 11.99 -37.06 -19.73
C CYS B 199 13.03 -35.96 -19.93
N ASN B 200 12.61 -34.70 -19.81
CA ASN B 200 13.51 -33.55 -19.90
C ASN B 200 13.62 -32.95 -18.51
N VAL B 201 14.80 -33.04 -17.91
CA VAL B 201 15.04 -32.52 -16.57
C VAL B 201 16.12 -31.44 -16.65
N ASN B 202 15.84 -30.29 -16.05
CA ASN B 202 16.75 -29.16 -16.03
C ASN B 202 17.04 -28.78 -14.58
N HIS B 203 18.32 -28.81 -14.22
CA HIS B 203 18.80 -28.42 -12.89
C HIS B 203 19.61 -27.14 -13.08
N LYS B 204 19.01 -26.01 -12.74
CA LYS B 204 19.68 -24.72 -12.91
C LYS B 204 20.95 -24.59 -12.08
N PRO B 205 20.99 -24.93 -10.79
CA PRO B 205 22.23 -24.70 -10.01
C PRO B 205 23.44 -25.40 -10.61
N SER B 206 23.28 -26.59 -11.15
CA SER B 206 24.36 -27.28 -11.84
C SER B 206 24.36 -27.01 -13.34
N ASN B 207 23.38 -26.24 -13.84
CA ASN B 207 23.27 -25.90 -15.26
C ASN B 207 23.26 -27.17 -16.13
N THR B 208 22.51 -28.17 -15.69
CA THR B 208 22.45 -29.44 -16.38
C THR B 208 21.08 -29.63 -17.03
N LYS B 209 21.08 -30.25 -18.20
CA LYS B 209 19.85 -30.64 -18.89
C LYS B 209 20.02 -32.05 -19.40
N VAL B 210 19.11 -32.94 -19.00
CA VAL B 210 19.17 -34.35 -19.36
C VAL B 210 17.87 -34.75 -20.04
N ASP B 211 17.98 -35.39 -21.19
CA ASP B 211 16.85 -35.96 -21.90
C ASP B 211 17.00 -37.47 -21.93
N LYS B 212 15.99 -38.18 -21.44
CA LYS B 212 16.04 -39.62 -21.29
C LYS B 212 14.91 -40.28 -22.07
N LYS B 213 15.21 -41.41 -22.71
CA LYS B 213 14.27 -42.19 -23.49
C LYS B 213 13.77 -43.39 -22.70
N VAL B 214 12.58 -43.86 -23.05
CA VAL B 214 11.93 -44.98 -22.39
C VAL B 214 12.02 -46.21 -23.28
N GLU B 215 12.07 -47.37 -22.64
CA GLU B 215 12.05 -48.66 -23.32
C GLU B 215 10.72 -49.36 -23.08
N PRO B 216 10.28 -50.22 -24.01
CA PRO B 216 9.01 -50.96 -23.84
C PRO B 216 9.05 -51.92 -22.65
N GLU C 1 0.85 -8.76 23.73
CA GLU C 1 0.95 -8.59 22.29
C GLU C 1 -0.17 -9.34 21.57
N ILE C 2 -0.74 -8.71 20.55
CA ILE C 2 -1.84 -9.30 19.80
C ILE C 2 -1.34 -10.56 19.09
N VAL C 3 -2.07 -11.66 19.27
CA VAL C 3 -1.77 -12.92 18.62
C VAL C 3 -2.94 -13.29 17.72
N LEU C 4 -2.64 -13.77 16.52
CA LEU C 4 -3.64 -14.12 15.53
C LEU C 4 -3.75 -15.64 15.45
N THR C 5 -4.85 -16.18 15.95
CA THR C 5 -5.09 -17.62 15.95
C THR C 5 -6.17 -17.91 14.91
N GLN C 6 -5.76 -18.50 13.80
CA GLN C 6 -6.67 -18.82 12.71
C GLN C 6 -7.18 -20.25 12.89
N SER C 7 -8.49 -20.41 12.99
CA SER C 7 -9.08 -21.73 13.16
C SER C 7 -10.28 -21.88 12.24
N PRO C 8 -10.54 -23.10 11.74
CA PRO C 8 -9.76 -24.35 11.93
C PRO C 8 -8.48 -24.35 11.10
N SER C 9 -7.43 -25.09 11.51
CA SER C 9 -6.21 -25.14 10.72
C SER C 9 -6.37 -26.04 9.50
N SER C 10 -7.27 -27.02 9.56
CA SER C 10 -7.59 -27.88 8.43
C SER C 10 -9.10 -27.88 8.27
N LEU C 11 -9.57 -27.62 7.04
CA LEU C 11 -10.99 -27.50 6.77
C LEU C 11 -11.44 -28.61 5.83
N SER C 12 -12.44 -29.36 6.27
CA SER C 12 -13.05 -30.42 5.47
C SER C 12 -14.37 -29.89 4.94
N ALA C 13 -14.55 -29.94 3.63
CA ALA C 13 -15.75 -29.43 2.97
C ALA C 13 -16.41 -30.54 2.17
N SER C 14 -17.65 -30.29 1.77
CA SER C 14 -18.44 -31.21 0.98
C SER C 14 -18.84 -30.54 -0.33
N VAL C 15 -19.65 -31.25 -1.12
CA VAL C 15 -20.19 -30.66 -2.33
C VAL C 15 -21.12 -29.51 -1.99
N GLY C 16 -21.73 -29.55 -0.80
CA GLY C 16 -22.54 -28.44 -0.32
C GLY C 16 -22.11 -27.97 1.04
N ASP C 17 -21.57 -26.75 1.08
CA ASP C 17 -21.10 -26.14 2.32
C ASP C 17 -20.73 -24.69 2.02
N ARG C 18 -20.67 -23.89 3.08
CA ARG C 18 -20.30 -22.49 3.00
C ARG C 18 -19.10 -22.27 3.90
N VAL C 19 -17.97 -21.90 3.31
CA VAL C 19 -16.73 -21.77 4.07
C VAL C 19 -16.92 -20.74 5.17
N THR C 20 -16.48 -21.08 6.38
CA THR C 20 -16.60 -20.20 7.54
C THR C 20 -15.37 -20.39 8.40
N ILE C 21 -14.51 -19.38 8.43
CA ILE C 21 -13.24 -19.42 9.16
C ILE C 21 -13.23 -18.29 10.17
N THR C 22 -12.51 -18.48 11.28
CA THR C 22 -12.41 -17.46 12.31
C THR C 22 -10.95 -17.18 12.64
N CYS C 23 -10.73 -15.98 13.19
CA CYS C 23 -9.39 -15.46 13.45
C CYS C 23 -9.43 -14.72 14.79
N ARG C 24 -9.12 -15.44 15.87
CA ARG C 24 -9.18 -14.84 17.19
C ARG C 24 -7.93 -14.00 17.47
N ALA C 25 -8.13 -12.86 18.13
CA ALA C 25 -7.04 -11.97 18.51
C ALA C 25 -7.18 -11.60 19.98
N SER C 26 -6.04 -11.28 20.59
CA SER C 26 -6.00 -10.99 22.02
C SER C 26 -6.20 -9.52 22.36
N GLN C 27 -6.28 -8.64 21.37
CA GLN C 27 -6.45 -7.22 21.63
C GLN C 27 -7.32 -6.62 20.52
N GLY C 28 -7.33 -5.29 20.44
CA GLY C 28 -8.11 -4.59 19.44
C GLY C 28 -7.23 -4.16 18.27
N ILE C 29 -7.72 -4.44 17.07
CA ILE C 29 -6.98 -4.16 15.83
C ILE C 29 -7.75 -3.23 14.91
N ARG C 30 -8.68 -2.44 15.46
CA ARG C 30 -9.63 -1.66 14.67
C ARG C 30 -10.36 -2.64 13.76
N ASN C 31 -10.30 -2.50 12.44
CA ASN C 31 -10.80 -3.53 11.53
C ASN C 31 -9.75 -3.85 10.47
N ASN C 32 -8.47 -3.69 10.81
CA ASN C 32 -7.37 -3.86 9.87
C ASN C 32 -6.93 -5.32 9.84
N LEU C 33 -7.82 -6.17 9.34
CA LEU C 33 -7.54 -7.59 9.18
C LEU C 33 -7.76 -7.97 7.72
N ALA C 34 -6.77 -8.65 7.15
CA ALA C 34 -6.79 -9.05 5.75
C ALA C 34 -6.86 -10.58 5.65
N TRP C 35 -7.67 -11.06 4.72
CA TRP C 35 -7.83 -12.48 4.43
C TRP C 35 -7.23 -12.75 3.06
N TYR C 36 -6.24 -13.65 3.00
CA TYR C 36 -5.53 -14.01 1.79
C TYR C 36 -5.87 -15.44 1.38
N GLN C 37 -5.78 -15.70 0.08
CA GLN C 37 -5.93 -17.04 -0.48
C GLN C 37 -4.65 -17.43 -1.19
N GLN C 38 -4.16 -18.64 -0.92
CA GLN C 38 -2.97 -19.17 -1.59
C GLN C 38 -3.30 -20.51 -2.21
N LYS C 39 -3.39 -20.55 -3.52
CA LYS C 39 -3.44 -21.84 -4.20
C LYS C 39 -2.07 -22.50 -4.08
N PRO C 40 -1.99 -23.73 -3.56
CA PRO C 40 -0.68 -24.36 -3.38
C PRO C 40 0.08 -24.44 -4.70
N GLY C 41 1.39 -24.18 -4.63
CA GLY C 41 2.23 -24.12 -5.80
C GLY C 41 2.33 -22.74 -6.44
N GLN C 42 1.57 -21.76 -5.94
CA GLN C 42 1.62 -20.40 -6.45
C GLN C 42 1.70 -19.44 -5.27
N VAL C 43 2.05 -18.19 -5.58
CA VAL C 43 2.08 -17.15 -4.54
C VAL C 43 0.66 -16.85 -4.09
N PRO C 44 0.43 -16.51 -2.82
CA PRO C 44 -0.94 -16.24 -2.36
C PRO C 44 -1.52 -15.01 -3.04
N GLU C 45 -2.81 -14.81 -2.83
CA GLU C 45 -3.50 -13.63 -3.34
C GLU C 45 -4.48 -13.13 -2.29
N LEU C 46 -4.82 -11.84 -2.39
CA LEU C 46 -5.70 -11.21 -1.42
C LEU C 46 -7.16 -11.57 -1.70
N LEU C 47 -7.89 -11.92 -0.66
CA LEU C 47 -9.32 -12.21 -0.77
C LEU C 47 -10.17 -11.03 -0.29
N ILE C 48 -9.96 -10.58 0.94
CA ILE C 48 -10.82 -9.55 1.53
C ILE C 48 -9.99 -8.63 2.42
N TYR C 49 -10.22 -7.32 2.28
CA TYR C 49 -9.57 -6.30 3.07
C TYR C 49 -10.58 -5.68 4.04
N GLY C 50 -10.18 -5.50 5.29
CA GLY C 50 -11.06 -4.97 6.30
C GLY C 50 -12.03 -5.96 6.91
N ALA C 51 -11.91 -7.24 6.56
CA ALA C 51 -12.69 -8.35 7.11
C ALA C 51 -14.14 -8.34 6.63
N SER C 52 -14.54 -7.29 5.90
CA SER C 52 -15.89 -7.23 5.36
C SER C 52 -15.95 -6.71 3.94
N ASN C 53 -14.90 -6.12 3.41
CA ASN C 53 -14.91 -5.50 2.09
C ASN C 53 -14.35 -6.46 1.05
N LEU C 54 -14.80 -6.29 -0.18
CA LEU C 54 -14.51 -7.20 -1.28
C LEU C 54 -13.52 -6.58 -2.25
N LYS C 55 -12.56 -7.39 -2.70
CA LYS C 55 -11.65 -6.96 -3.75
C LYS C 55 -12.37 -6.96 -5.10
N PRO C 56 -12.16 -5.95 -5.94
CA PRO C 56 -12.80 -5.95 -7.27
C PRO C 56 -12.44 -7.16 -8.11
N GLY C 57 -11.23 -7.69 -7.97
CA GLY C 57 -10.85 -8.87 -8.74
C GLY C 57 -11.64 -10.11 -8.36
N VAL C 58 -11.82 -10.34 -7.06
CA VAL C 58 -12.54 -11.51 -6.58
C VAL C 58 -14.04 -11.29 -6.79
N PRO C 59 -14.84 -12.34 -6.93
CA PRO C 59 -16.27 -12.16 -7.12
C PRO C 59 -16.99 -11.96 -5.79
N SER C 60 -18.32 -11.81 -5.89
CA SER C 60 -19.15 -11.47 -4.75
C SER C 60 -19.63 -12.69 -3.95
N ARG C 61 -19.30 -13.90 -4.40
CA ARG C 61 -19.70 -15.09 -3.65
C ARG C 61 -18.99 -15.15 -2.31
N PHE C 62 -17.71 -14.80 -2.26
CA PHE C 62 -16.90 -14.94 -1.05
C PHE C 62 -17.13 -13.71 -0.17
N SER C 63 -18.25 -13.72 0.54
CA SER C 63 -18.75 -12.56 1.25
C SER C 63 -18.26 -12.58 2.70
N GLY C 64 -17.59 -11.51 3.11
CA GLY C 64 -17.10 -11.42 4.47
C GLY C 64 -18.21 -11.17 5.46
N SER C 65 -17.84 -11.19 6.74
CA SER C 65 -18.80 -11.02 7.83
C SER C 65 -18.22 -10.06 8.86
N ALA C 66 -19.08 -9.67 9.80
CA ALA C 66 -18.73 -8.70 10.82
C ALA C 66 -17.58 -9.23 11.69
N SER C 67 -17.03 -8.33 12.50
CA SER C 67 -15.87 -8.66 13.35
C SER C 67 -16.07 -8.03 14.72
N GLY C 68 -16.73 -8.77 15.61
CA GLY C 68 -16.87 -8.32 16.98
C GLY C 68 -15.57 -8.51 17.74
N THR C 69 -15.17 -9.76 17.90
CA THR C 69 -13.84 -10.10 18.40
C THR C 69 -13.18 -11.06 17.41
N ASP C 70 -13.99 -11.93 16.82
CA ASP C 70 -13.55 -12.87 15.80
C ASP C 70 -14.01 -12.43 14.42
N PHE C 71 -13.29 -12.88 13.41
CA PHE C 71 -13.45 -12.40 12.04
C PHE C 71 -13.86 -13.58 11.16
N THR C 72 -15.04 -13.47 10.55
CA THR C 72 -15.60 -14.58 9.80
C THR C 72 -15.53 -14.28 8.31
N LEU C 73 -14.97 -15.22 7.55
CA LEU C 73 -14.84 -15.13 6.10
C LEU C 73 -15.79 -16.15 5.48
N THR C 74 -17.04 -15.73 5.25
CA THR C 74 -18.04 -16.61 4.67
C THR C 74 -17.89 -16.69 3.16
N ILE C 75 -18.44 -17.76 2.58
CA ILE C 75 -18.47 -17.95 1.14
C ILE C 75 -19.86 -18.48 0.78
N SER C 76 -20.46 -17.92 -0.26
CA SER C 76 -21.86 -18.21 -0.55
C SER C 76 -22.08 -19.67 -0.92
N SER C 77 -21.20 -20.25 -1.74
CA SER C 77 -21.39 -21.62 -2.19
C SER C 77 -20.03 -22.28 -2.38
N MET C 78 -20.03 -23.61 -2.29
CA MET C 78 -18.82 -24.40 -2.46
C MET C 78 -18.73 -24.90 -3.89
N GLN C 79 -17.56 -24.71 -4.50
CA GLN C 79 -17.29 -25.05 -5.88
C GLN C 79 -16.03 -25.90 -5.94
N PRO C 80 -15.85 -26.68 -7.00
CA PRO C 80 -14.61 -27.48 -7.11
C PRO C 80 -13.36 -26.64 -7.19
N GLU C 81 -13.47 -25.38 -7.60
CA GLU C 81 -12.28 -24.57 -7.81
C GLU C 81 -11.66 -24.06 -6.52
N ASP C 82 -12.49 -23.81 -5.50
CA ASP C 82 -12.02 -23.09 -4.29
C ASP C 82 -11.35 -24.07 -3.33
N VAL C 83 -10.14 -24.49 -3.69
CA VAL C 83 -9.31 -25.35 -2.86
C VAL C 83 -7.96 -24.67 -2.71
N ALA C 84 -7.69 -24.12 -1.53
CA ALA C 84 -6.48 -23.35 -1.31
C ALA C 84 -6.20 -23.30 0.19
N THR C 85 -5.25 -22.45 0.58
CA THR C 85 -4.91 -22.21 1.97
C THR C 85 -5.15 -20.75 2.29
N TYR C 86 -6.01 -20.48 3.26
CA TYR C 86 -6.45 -19.13 3.57
C TYR C 86 -5.73 -18.63 4.80
N TYR C 87 -5.19 -17.42 4.72
CA TYR C 87 -4.35 -16.87 5.78
C TYR C 87 -4.91 -15.55 6.29
N CYS C 88 -4.61 -15.27 7.56
CA CYS C 88 -4.93 -14.00 8.20
C CYS C 88 -3.72 -13.09 8.17
N GLN C 89 -3.99 -11.79 8.31
CA GLN C 89 -2.90 -10.86 8.61
C GLN C 89 -3.47 -9.63 9.27
N LYS C 90 -2.68 -9.04 10.16
CA LYS C 90 -3.05 -7.83 10.88
C LYS C 90 -2.07 -6.72 10.47
N TYR C 91 -2.47 -5.92 9.50
CA TYR C 91 -1.69 -4.75 9.10
C TYR C 91 -2.05 -3.52 9.93
N ASP C 92 -2.58 -3.72 11.14
CA ASP C 92 -2.94 -2.61 11.99
C ASP C 92 -1.72 -1.85 12.49
N SER C 93 -0.67 -2.57 12.91
CA SER C 93 0.49 -1.94 13.53
C SER C 93 1.75 -2.59 12.98
N ALA C 94 2.88 -2.31 13.64
CA ALA C 94 4.19 -2.71 13.11
C ALA C 94 4.38 -4.21 12.99
N PRO C 95 4.08 -5.05 14.00
CA PRO C 95 4.22 -6.50 13.79
C PRO C 95 3.05 -7.09 13.02
N LEU C 96 3.28 -7.40 11.74
CA LEU C 96 2.23 -7.92 10.87
C LEU C 96 2.27 -9.44 10.91
N THR C 97 1.66 -9.98 11.97
CA THR C 97 1.78 -11.40 12.27
C THR C 97 0.83 -12.23 11.41
N PHE C 98 1.32 -13.36 10.92
CA PHE C 98 0.56 -14.32 10.16
C PHE C 98 0.01 -15.41 11.09
N GLY C 99 -0.47 -16.51 10.51
CA GLY C 99 -0.92 -17.66 11.28
C GLY C 99 -0.85 -18.92 10.45
N GLY C 100 -1.87 -19.76 10.55
CA GLY C 100 -1.95 -21.00 9.81
C GLY C 100 -2.92 -20.94 8.65
N GLY C 101 -2.62 -21.69 7.59
CA GLY C 101 -3.42 -21.69 6.38
C GLY C 101 -4.27 -22.94 6.28
N THR C 102 -5.54 -22.74 5.96
CA THR C 102 -6.56 -23.78 6.07
C THR C 102 -6.79 -24.40 4.68
N LYS C 103 -6.37 -25.65 4.53
CA LYS C 103 -6.57 -26.36 3.26
C LYS C 103 -8.03 -26.78 3.10
N LEU C 104 -8.57 -26.56 1.91
CA LEU C 104 -9.92 -26.96 1.57
C LEU C 104 -9.89 -28.21 0.70
N GLU C 105 -11.05 -28.84 0.57
CA GLU C 105 -11.16 -30.10 -0.16
C GLU C 105 -12.56 -30.22 -0.74
N ILE C 106 -12.72 -31.16 -1.67
CA ILE C 106 -14.00 -31.45 -2.30
C ILE C 106 -14.38 -32.89 -1.98
N LYS C 107 -15.66 -33.11 -1.66
CA LYS C 107 -16.11 -34.42 -1.22
C LYS C 107 -16.09 -35.42 -2.36
N ARG C 108 -15.70 -36.66 -2.04
CA ARG C 108 -15.78 -37.77 -2.96
C ARG C 108 -15.81 -39.06 -2.13
N THR C 109 -16.22 -40.15 -2.77
CA THR C 109 -16.35 -41.42 -2.07
C THR C 109 -14.98 -42.04 -1.83
N VAL C 110 -14.99 -43.24 -1.26
CA VAL C 110 -13.77 -43.99 -0.96
C VAL C 110 -13.50 -44.94 -2.12
N ALA C 111 -12.29 -44.88 -2.68
CA ALA C 111 -11.90 -45.70 -3.80
C ALA C 111 -10.52 -46.29 -3.53
N ALA C 112 -10.14 -47.27 -4.36
CA ALA C 112 -8.87 -47.94 -4.23
C ALA C 112 -8.18 -48.01 -5.59
N PRO C 113 -6.84 -48.04 -5.61
CA PRO C 113 -6.10 -48.08 -6.88
C PRO C 113 -6.18 -49.45 -7.55
N PHE C 118 8.69 -51.72 -9.97
CA PHE C 118 9.75 -50.86 -10.49
C PHE C 118 11.12 -51.37 -10.05
N PRO C 119 11.66 -52.37 -10.75
CA PRO C 119 12.99 -52.86 -10.42
C PRO C 119 14.04 -51.79 -10.65
N PRO C 120 15.17 -51.84 -9.93
CA PRO C 120 16.18 -50.79 -10.07
C PRO C 120 16.81 -50.78 -11.46
N SER C 121 17.26 -49.59 -11.87
CA SER C 121 17.83 -49.40 -13.19
C SER C 121 19.15 -50.15 -13.32
N ASP C 122 19.48 -50.52 -14.57
CA ASP C 122 20.66 -51.33 -14.82
C ASP C 122 21.96 -50.54 -14.73
N GLU C 123 21.93 -49.22 -14.90
CA GLU C 123 23.15 -48.43 -14.76
C GLU C 123 23.68 -48.48 -13.33
N GLN C 124 22.80 -48.36 -12.34
CA GLN C 124 23.21 -48.39 -10.95
C GLN C 124 23.51 -49.79 -10.43
N LEU C 125 23.13 -50.82 -11.17
CA LEU C 125 23.36 -52.20 -10.74
C LEU C 125 24.81 -52.61 -11.01
N THR C 129 24.16 -49.60 -6.58
CA THR C 129 22.99 -49.24 -5.79
C THR C 129 21.76 -49.94 -6.38
N ALA C 130 20.68 -50.00 -5.60
CA ALA C 130 19.45 -50.63 -6.07
C ALA C 130 18.27 -49.97 -5.37
N SER C 131 17.40 -49.32 -6.12
CA SER C 131 16.23 -48.64 -5.59
C SER C 131 14.98 -49.30 -6.15
N VAL C 132 14.02 -49.58 -5.26
CA VAL C 132 12.76 -50.20 -5.63
C VAL C 132 11.63 -49.25 -5.27
N VAL C 133 10.75 -48.99 -6.24
CA VAL C 133 9.63 -48.07 -6.07
C VAL C 133 8.34 -48.80 -6.38
N CYS C 134 7.23 -48.32 -5.80
CA CYS C 134 5.93 -48.91 -6.00
C CYS C 134 4.92 -47.82 -6.34
N LEU C 135 3.95 -48.16 -7.19
CA LEU C 135 3.00 -47.20 -7.73
C LEU C 135 1.56 -47.62 -7.44
N LEU C 136 0.72 -46.63 -7.20
CA LEU C 136 -0.73 -46.76 -7.01
C LEU C 136 -1.33 -45.37 -7.10
N ASN C 137 -2.55 -45.28 -7.66
CA ASN C 137 -3.06 -43.99 -8.07
C ASN C 137 -4.58 -43.93 -7.94
N ASN C 138 -5.09 -42.69 -7.99
CA ASN C 138 -6.52 -42.39 -8.13
C ASN C 138 -7.35 -42.92 -6.94
N PHE C 139 -7.08 -42.36 -5.76
CA PHE C 139 -7.90 -42.65 -4.59
C PHE C 139 -8.09 -41.39 -3.75
N TYR C 140 -9.17 -41.40 -2.97
CA TYR C 140 -9.52 -40.33 -2.03
C TYR C 140 -10.29 -41.00 -0.89
N PRO C 141 -10.04 -40.60 0.37
CA PRO C 141 -9.23 -39.48 0.86
C PRO C 141 -7.74 -39.69 0.80
N ARG C 142 -7.00 -38.78 1.42
CA ARG C 142 -5.53 -38.80 1.42
C ARG C 142 -4.97 -40.13 1.93
N ALA C 144 -4.75 -44.26 2.88
CA ALA C 144 -4.31 -45.53 2.31
C ALA C 144 -2.85 -45.81 2.64
N LYS C 145 -2.60 -46.98 3.21
CA LYS C 145 -1.26 -47.41 3.57
C LYS C 145 -0.85 -48.59 2.70
N VAL C 146 0.28 -48.46 2.02
CA VAL C 146 0.78 -49.53 1.16
C VAL C 146 2.18 -49.93 1.60
N TRP C 148 4.91 -54.07 0.25
CA TRP C 148 4.64 -54.11 -1.17
C TRP C 148 4.56 -55.54 -1.67
N ASN C 158 13.88 -50.69 4.82
CA ASN C 158 14.17 -49.27 5.03
C ASN C 158 13.76 -48.45 3.81
N SER C 159 12.83 -47.52 3.99
CA SER C 159 12.31 -46.74 2.89
C SER C 159 11.87 -45.37 3.37
N GLN C 160 11.80 -44.43 2.44
CA GLN C 160 11.36 -43.06 2.70
C GLN C 160 10.00 -42.88 2.02
N GLU C 161 8.94 -43.23 2.74
CA GLU C 161 7.59 -43.13 2.19
C GLU C 161 7.22 -41.67 1.94
N SER C 162 6.75 -41.39 0.73
CA SER C 162 6.29 -40.05 0.35
C SER C 162 4.80 -40.13 0.09
N VAL C 163 4.02 -39.98 1.16
CA VAL C 163 2.56 -39.96 1.05
C VAL C 163 2.20 -38.58 0.51
N THR C 164 2.03 -38.49 -0.81
CA THR C 164 1.79 -37.21 -1.46
C THR C 164 0.44 -36.65 -1.02
N GLU C 165 0.36 -35.32 -1.00
CA GLU C 165 -0.91 -34.67 -0.71
C GLU C 165 -1.91 -34.97 -1.81
N GLN C 166 -3.19 -35.06 -1.43
CA GLN C 166 -4.23 -35.28 -2.41
C GLN C 166 -4.20 -34.18 -3.46
N ASP C 167 -4.33 -34.57 -4.73
CA ASP C 167 -4.09 -33.64 -5.82
C ASP C 167 -5.03 -32.44 -5.75
N SER C 168 -4.70 -31.42 -6.55
CA SER C 168 -5.45 -30.18 -6.52
C SER C 168 -6.92 -30.38 -6.86
N LYS C 169 -7.24 -31.42 -7.63
CA LYS C 169 -8.63 -31.75 -7.88
C LYS C 169 -9.30 -32.36 -6.65
N ASP C 170 -8.52 -32.99 -5.77
CA ASP C 170 -8.95 -33.67 -4.56
C ASP C 170 -9.85 -34.86 -4.86
N SER C 171 -10.17 -35.13 -6.13
CA SER C 171 -10.89 -36.34 -6.49
C SER C 171 -9.98 -37.56 -6.49
N THR C 172 -8.71 -37.38 -6.87
CA THR C 172 -7.79 -38.49 -7.05
C THR C 172 -6.37 -38.01 -6.73
N TYR C 173 -5.48 -38.96 -6.52
CA TYR C 173 -4.04 -38.70 -6.40
C TYR C 173 -3.31 -40.03 -6.51
N SER C 174 -1.97 -39.99 -6.38
CA SER C 174 -1.13 -41.18 -6.46
C SER C 174 -0.05 -41.12 -5.39
N LEU C 175 0.49 -42.29 -5.05
CA LEU C 175 1.56 -42.41 -4.07
C LEU C 175 2.76 -43.12 -4.68
N SER C 176 3.95 -42.76 -4.19
CA SER C 176 5.18 -43.40 -4.64
C SER C 176 6.26 -43.25 -3.58
N SER C 177 6.86 -44.38 -3.18
CA SER C 177 7.90 -44.41 -2.16
C SER C 177 9.06 -45.30 -2.63
N THR C 178 10.26 -44.97 -2.16
CA THR C 178 11.48 -45.63 -2.62
C THR C 178 12.18 -46.34 -1.47
N LEU C 179 12.70 -47.54 -1.75
CA LEU C 179 13.51 -48.30 -0.81
C LEU C 179 14.88 -48.55 -1.46
N THR C 180 15.94 -48.18 -0.76
CA THR C 180 17.30 -48.28 -1.29
C THR C 180 18.03 -49.44 -0.65
N LEU C 181 18.60 -50.32 -1.47
CA LEU C 181 19.34 -51.47 -0.97
C LEU C 181 20.84 -51.25 -1.10
#